data_7C6J
#
_entry.id   7C6J
#
_cell.length_a   60.900
_cell.length_b   100.250
_cell.length_c   134.050
_cell.angle_alpha   90.000
_cell.angle_beta   90.000
_cell.angle_gamma   90.000
#
_symmetry.space_group_name_H-M   'P 21 21 21'
#
loop_
_entity.id
_entity.type
_entity.pdbx_description
1 polymer 'Sugar ABC transporter, periplasmic sugar-binding protein'
2 branched beta-D-glucopyranose-(1-4)-alpha-D-glucopyranose
3 non-polymer 'CHLORIDE ION'
4 non-polymer 'SULFUR DIOXIDE'
5 non-polymer 'ACETATE ION'
6 non-polymer propane-1,1,1,3-tetrol
7 water water
#
_entity_poly.entity_id   1
_entity_poly.type   'polypeptide(L)'
_entity_poly.pdbx_seq_one_letter_code
;MQKTLEVWIMPNSPQPAEDFKALVAPFEKAHGVEVKVTVLDWGVAWTKITTAATSGVGPDLTQLGTTWVGAISAMGVLEP
VDDVLEALGGEKAYLPAVWRTTRLEGARQATAVPWFSELRAFYYRTDALKAAGVNPAEMFASWQGFEAGLARLKASSFRD
PETKAPLAPLCTPGRTPRTLHNAAPWIWGAGGEIVRQAGGRWQSALNSPESLEGLYFFLSLAQKGYVPAESLEKNTAQIE
ADFQAGKCAVFASGPWMIQRAQVPEAKGGFAERTAAKNLGVAPYPAGPKGRYTFFGGSNLALFNFSKNKPLAKELLKYLG
GPEAQVRYAQMTGMLPALRSAWSDPSFQQNPLLRTFIQAAQFGRTYPSLAGWGGVENLAVQHLGMAWDLVAQGRLTREAL
KDLMDKASAAINQALRHHHHHH
;
_entity_poly.pdbx_strand_id   A,B
#
loop_
_chem_comp.id
_chem_comp.type
_chem_comp.name
_chem_comp.formula
ACT non-polymer 'ACETATE ION' 'C2 H3 O2 -1'
BGC D-saccharide, beta linking beta-D-glucopyranose 'C6 H12 O6'
CL non-polymer 'CHLORIDE ION' 'Cl -1'
FJO non-polymer propane-1,1,1,3-tetrol 'C3 H8 O4'
GLC D-saccharide, alpha linking alpha-D-glucopyranose 'C6 H12 O6'
SO2 non-polymer 'SULFUR DIOXIDE' 'O2 S'
#
# COMPACT_ATOMS: atom_id res chain seq x y z
N LYS A 3 -28.98 4.17 -8.83
CA LYS A 3 -28.15 2.94 -8.51
C LYS A 3 -26.72 3.08 -9.06
N THR A 4 -25.78 2.50 -8.31
CA THR A 4 -24.31 2.71 -8.38
C THR A 4 -23.54 1.39 -8.32
N LEU A 5 -22.49 1.28 -9.12
CA LEU A 5 -21.47 0.23 -9.01
C LEU A 5 -20.18 0.91 -8.59
N GLU A 6 -19.45 0.31 -7.64
CA GLU A 6 -18.08 0.74 -7.32
C GLU A 6 -17.10 -0.26 -7.95
N VAL A 7 -16.11 0.26 -8.67
CA VAL A 7 -15.06 -0.52 -9.36
C VAL A 7 -13.71 0.02 -8.90
N TRP A 8 -12.81 -0.89 -8.50
CA TRP A 8 -11.39 -0.53 -8.26
C TRP A 8 -10.58 -0.97 -9.47
N ILE A 9 -9.66 -0.13 -9.90
CA ILE A 9 -8.77 -0.45 -11.05
C ILE A 9 -7.40 0.07 -10.71
N MET A 10 -6.37 -0.43 -11.41
CA MET A 10 -4.98 0.07 -11.36
C MET A 10 -4.74 1.05 -12.52
N PRO A 11 -3.63 1.81 -12.52
CA PRO A 11 -3.36 2.79 -13.58
C PRO A 11 -3.00 2.19 -14.94
N ASN A 12 -3.96 1.63 -15.64
CA ASN A 12 -3.69 0.82 -16.85
C ASN A 12 -3.44 1.74 -18.05
N SER A 13 -3.92 2.99 -18.02
CA SER A 13 -3.87 3.95 -19.15
C SER A 13 -3.33 5.27 -18.63
N PRO A 14 -2.94 6.23 -19.48
CA PRO A 14 -2.41 7.50 -18.99
C PRO A 14 -3.36 8.31 -18.11
N GLN A 15 -4.66 8.33 -18.40
CA GLN A 15 -5.70 8.95 -17.53
C GLN A 15 -6.64 7.85 -17.10
N PRO A 16 -6.26 7.09 -16.07
CA PRO A 16 -6.88 5.79 -15.86
C PRO A 16 -8.37 5.91 -15.54
N ALA A 17 -8.75 6.86 -14.68
CA ALA A 17 -10.14 7.13 -14.29
C ALA A 17 -10.95 7.60 -15.51
N GLU A 18 -10.42 8.56 -16.29
CA GLU A 18 -11.15 9.18 -17.41
C GLU A 18 -11.36 8.13 -18.52
N ASP A 19 -10.35 7.33 -18.78
CA ASP A 19 -10.43 6.28 -19.84
C ASP A 19 -11.50 5.28 -19.41
N PHE A 20 -11.52 4.89 -18.13
CA PHE A 20 -12.43 3.84 -17.62
C PHE A 20 -13.86 4.36 -17.72
N LYS A 21 -14.07 5.56 -17.21
CA LYS A 21 -15.37 6.24 -17.36
C LYS A 21 -15.80 6.26 -18.84
N ALA A 22 -14.92 6.65 -19.77
CA ALA A 22 -15.33 6.74 -21.19
C ALA A 22 -15.68 5.33 -21.66
N LEU A 23 -14.92 4.31 -21.22
CA LEU A 23 -15.20 2.89 -21.59
C LEU A 23 -16.59 2.44 -21.15
N VAL A 24 -17.04 2.86 -19.96
CA VAL A 24 -18.30 2.28 -19.37
C VAL A 24 -19.51 3.17 -19.67
N ALA A 25 -19.34 4.31 -20.36
CA ALA A 25 -20.44 5.30 -20.66
C ALA A 25 -21.60 4.62 -21.39
N PRO A 26 -21.38 3.79 -22.44
CA PRO A 26 -22.51 3.16 -23.12
C PRO A 26 -23.27 2.26 -22.15
N PHE A 27 -22.55 1.62 -21.22
CA PHE A 27 -23.17 0.70 -20.24
C PHE A 27 -24.04 1.51 -19.29
N GLU A 28 -23.51 2.62 -18.77
CA GLU A 28 -24.23 3.57 -17.86
C GLU A 28 -25.51 4.07 -18.53
N LYS A 29 -25.40 4.52 -19.78
CA LYS A 29 -26.56 5.05 -20.54
C LYS A 29 -27.62 3.96 -20.63
N ALA A 30 -27.23 2.76 -21.03
CA ALA A 30 -28.18 1.66 -21.38
C ALA A 30 -28.82 1.08 -20.12
N HIS A 31 -28.11 0.97 -19.00
CA HIS A 31 -28.67 0.40 -17.76
C HIS A 31 -29.21 1.50 -16.83
N GLY A 32 -28.98 2.79 -17.15
CA GLY A 32 -29.34 3.93 -16.28
C GLY A 32 -28.72 3.80 -14.89
N VAL A 33 -27.40 3.62 -14.85
CA VAL A 33 -26.61 3.36 -13.61
C VAL A 33 -25.34 4.21 -13.69
N GLU A 34 -24.80 4.55 -12.52
CA GLU A 34 -23.50 5.23 -12.42
C GLU A 34 -22.44 4.19 -12.00
N VAL A 35 -21.31 4.13 -12.70
CA VAL A 35 -20.12 3.36 -12.25
C VAL A 35 -19.08 4.36 -11.73
N LYS A 36 -18.85 4.33 -10.43
CA LYS A 36 -17.82 5.12 -9.74
C LYS A 36 -16.56 4.26 -9.70
N VAL A 37 -15.43 4.82 -10.12
CA VAL A 37 -14.15 4.09 -10.24
C VAL A 37 -13.21 4.75 -9.25
N THR A 38 -12.40 3.93 -8.59
CA THR A 38 -11.25 4.37 -7.74
C THR A 38 -10.00 3.70 -8.28
N VAL A 39 -8.96 4.48 -8.52
CA VAL A 39 -7.71 4.03 -9.14
C VAL A 39 -6.72 3.76 -7.99
N LEU A 40 -6.22 2.53 -7.88
CA LEU A 40 -5.18 2.14 -6.88
C LEU A 40 -3.85 1.93 -7.56
N ASP A 41 -2.80 2.55 -7.04
CA ASP A 41 -1.42 2.26 -7.47
C ASP A 41 -1.12 0.77 -7.28
N TRP A 42 -0.37 0.14 -8.19
CA TRP A 42 -0.04 -1.28 -8.05
C TRP A 42 0.67 -1.51 -6.71
N GLY A 43 1.49 -0.57 -6.27
CA GLY A 43 2.21 -0.65 -4.99
C GLY A 43 1.29 -0.77 -3.78
N VAL A 44 0.06 -0.29 -3.83
CA VAL A 44 -0.89 -0.34 -2.68
C VAL A 44 -2.07 -1.33 -2.95
N ALA A 45 -2.23 -1.77 -4.20
CA ALA A 45 -3.40 -2.58 -4.63
C ALA A 45 -3.54 -3.86 -3.80
N TRP A 46 -2.44 -4.57 -3.56
CA TRP A 46 -2.46 -5.86 -2.83
C TRP A 46 -3.04 -5.65 -1.44
N THR A 47 -2.62 -4.61 -0.75
CA THR A 47 -3.03 -4.33 0.65
C THR A 47 -4.51 -3.96 0.66
N LYS A 48 -4.90 -3.11 -0.28
CA LYS A 48 -6.28 -2.59 -0.36
C LYS A 48 -7.20 -3.77 -0.65
N ILE A 49 -6.81 -4.64 -1.56
CA ILE A 49 -7.71 -5.74 -2.00
C ILE A 49 -7.80 -6.81 -0.91
N THR A 50 -6.70 -7.18 -0.27
CA THR A 50 -6.71 -8.19 0.82
C THR A 50 -7.45 -7.59 2.04
N THR A 51 -7.32 -6.31 2.29
CA THR A 51 -8.15 -5.67 3.35
C THR A 51 -9.63 -5.71 3.00
N ALA A 52 -10.03 -5.45 1.74
CA ALA A 52 -11.46 -5.58 1.37
C ALA A 52 -11.84 -7.03 1.64
N ALA A 53 -10.99 -7.99 1.24
CA ALA A 53 -11.28 -9.43 1.43
C ALA A 53 -11.52 -9.78 2.91
N THR A 54 -10.66 -9.36 3.82
CA THR A 54 -10.74 -9.78 5.25
C THR A 54 -11.84 -8.95 5.95
N SER A 55 -11.99 -7.69 5.59
CA SER A 55 -12.85 -6.75 6.35
C SER A 55 -14.31 -6.80 5.88
N GLY A 56 -14.55 -7.29 4.67
CA GLY A 56 -15.91 -7.37 4.13
C GLY A 56 -16.42 -5.99 3.68
N VAL A 57 -15.53 -5.02 3.53
CA VAL A 57 -15.82 -3.64 3.07
C VAL A 57 -15.01 -3.39 1.80
N GLY A 58 -15.67 -2.99 0.72
CA GLY A 58 -14.92 -2.61 -0.48
C GLY A 58 -15.86 -2.34 -1.65
N PRO A 59 -15.37 -2.48 -2.88
CA PRO A 59 -16.17 -2.22 -4.07
C PRO A 59 -17.02 -3.40 -4.51
N ASP A 60 -17.82 -3.23 -5.56
CA ASP A 60 -18.52 -4.36 -6.20
C ASP A 60 -17.48 -5.14 -6.99
N LEU A 61 -16.70 -4.48 -7.85
CA LEU A 61 -15.73 -5.11 -8.77
C LEU A 61 -14.34 -4.54 -8.47
N THR A 62 -13.34 -5.40 -8.51
CA THR A 62 -11.93 -4.99 -8.48
C THR A 62 -11.23 -5.61 -9.67
N GLN A 63 -10.29 -4.88 -10.20
CA GLN A 63 -9.26 -5.44 -11.06
C GLN A 63 -8.36 -6.32 -10.16
N LEU A 64 -7.97 -7.47 -10.67
CA LEU A 64 -7.03 -8.42 -10.00
C LEU A 64 -5.97 -8.76 -11.00
N GLY A 65 -4.71 -8.55 -10.67
CA GLY A 65 -3.63 -9.11 -11.50
C GLY A 65 -3.87 -10.59 -11.70
N THR A 66 -3.54 -11.14 -12.85
CA THR A 66 -3.81 -12.57 -13.11
C THR A 66 -3.14 -13.39 -12.01
N THR A 67 -1.96 -12.99 -11.56
CA THR A 67 -1.14 -13.80 -10.60
C THR A 67 -1.76 -13.83 -9.22
N TRP A 68 -2.76 -12.98 -8.97
CA TRP A 68 -3.38 -12.76 -7.63
C TRP A 68 -4.71 -13.53 -7.55
N VAL A 69 -5.24 -13.99 -8.68
CA VAL A 69 -6.64 -14.55 -8.71
C VAL A 69 -6.74 -15.71 -7.71
N GLY A 70 -5.81 -16.66 -7.80
CA GLY A 70 -5.73 -17.81 -6.89
C GLY A 70 -5.76 -17.40 -5.42
N ALA A 71 -4.94 -16.44 -5.05
CA ALA A 71 -4.77 -16.01 -3.64
C ALA A 71 -6.06 -15.42 -3.09
N ILE A 72 -6.70 -14.57 -3.86
CA ILE A 72 -7.89 -13.86 -3.34
C ILE A 72 -9.03 -14.86 -3.38
N SER A 73 -9.05 -15.73 -4.41
CA SER A 73 -10.11 -16.75 -4.60
C SER A 73 -10.08 -17.68 -3.40
N ALA A 74 -8.91 -18.16 -3.00
CA ALA A 74 -8.75 -19.09 -1.86
C ALA A 74 -9.29 -18.45 -0.57
N MET A 75 -9.36 -17.12 -0.45
CA MET A 75 -9.94 -16.50 0.79
C MET A 75 -11.46 -16.70 0.83
N GLY A 76 -12.08 -17.22 -0.23
CA GLY A 76 -13.53 -17.50 -0.31
C GLY A 76 -14.39 -16.25 -0.42
N VAL A 77 -13.86 -15.12 -0.91
CA VAL A 77 -14.57 -13.81 -0.92
C VAL A 77 -15.12 -13.46 -2.31
N LEU A 78 -14.82 -14.24 -3.36
CA LEU A 78 -15.24 -13.87 -4.73
C LEU A 78 -16.50 -14.64 -5.12
N GLU A 79 -17.43 -13.92 -5.75
CA GLU A 79 -18.63 -14.51 -6.38
C GLU A 79 -18.21 -15.36 -7.58
N PRO A 80 -18.80 -16.57 -7.72
CA PRO A 80 -18.59 -17.40 -8.90
C PRO A 80 -19.03 -16.66 -10.16
N VAL A 81 -18.29 -16.79 -11.24
CA VAL A 81 -18.69 -16.08 -12.49
C VAL A 81 -18.65 -17.07 -13.68
N ASP A 82 -18.79 -18.35 -13.43
CA ASP A 82 -18.93 -19.38 -14.52
C ASP A 82 -20.01 -18.92 -15.52
N ASP A 83 -21.11 -18.33 -15.02
CA ASP A 83 -22.24 -17.82 -15.85
C ASP A 83 -21.75 -16.73 -16.82
N VAL A 84 -20.99 -15.77 -16.34
CA VAL A 84 -20.45 -14.69 -17.23
C VAL A 84 -19.56 -15.31 -18.30
N LEU A 85 -18.62 -16.17 -17.91
CA LEU A 85 -17.66 -16.83 -18.83
C LEU A 85 -18.40 -17.66 -19.89
N GLU A 86 -19.48 -18.34 -19.51
CA GLU A 86 -20.32 -19.13 -20.46
C GLU A 86 -20.98 -18.14 -21.41
N ALA A 87 -21.52 -17.01 -20.95
CA ALA A 87 -22.13 -16.01 -21.87
C ALA A 87 -21.05 -15.41 -22.79
N LEU A 88 -19.77 -15.41 -22.43
CA LEU A 88 -18.73 -14.80 -23.29
C LEU A 88 -18.15 -15.82 -24.29
N GLY A 89 -18.61 -17.08 -24.25
CA GLY A 89 -18.19 -18.13 -25.22
C GLY A 89 -17.44 -19.27 -24.53
N GLY A 90 -17.26 -19.22 -23.21
CA GLY A 90 -16.66 -20.34 -22.46
C GLY A 90 -15.20 -20.57 -22.79
N GLU A 91 -14.71 -21.75 -22.45
CA GLU A 91 -13.28 -22.09 -22.47
C GLU A 91 -12.68 -21.85 -23.87
N LYS A 92 -13.43 -22.16 -24.91
CA LYS A 92 -12.96 -22.04 -26.33
C LYS A 92 -12.61 -20.60 -26.67
N ALA A 93 -13.18 -19.60 -25.98
CA ALA A 93 -13.06 -18.17 -26.35
C ALA A 93 -11.76 -17.56 -25.79
N TYR A 94 -10.96 -18.36 -25.11
CA TYR A 94 -9.76 -17.88 -24.38
C TYR A 94 -8.57 -18.80 -24.67
N LEU A 95 -7.41 -18.20 -24.88
CA LEU A 95 -6.11 -18.87 -24.75
C LEU A 95 -6.12 -19.71 -23.47
N PRO A 96 -5.67 -20.98 -23.49
CA PRO A 96 -5.78 -21.80 -22.28
C PRO A 96 -5.02 -21.13 -21.12
N ALA A 97 -3.92 -20.45 -21.40
CA ALA A 97 -3.11 -19.72 -20.41
C ALA A 97 -3.94 -18.59 -19.75
N VAL A 98 -4.92 -18.04 -20.45
CA VAL A 98 -5.79 -16.93 -19.96
C VAL A 98 -6.89 -17.62 -19.14
N TRP A 99 -7.49 -18.68 -19.68
CA TRP A 99 -8.54 -19.45 -18.99
C TRP A 99 -8.09 -19.92 -17.62
N ARG A 100 -6.83 -20.34 -17.50
CA ARG A 100 -6.31 -20.87 -16.23
C ARG A 100 -6.33 -19.76 -15.17
N THR A 101 -6.40 -18.47 -15.55
CA THR A 101 -6.36 -17.33 -14.58
C THR A 101 -7.78 -17.01 -14.07
N THR A 102 -8.82 -17.73 -14.54
CA THR A 102 -10.21 -17.44 -14.14
C THR A 102 -10.53 -18.12 -12.81
N ARG A 103 -9.61 -18.87 -12.20
CA ARG A 103 -9.90 -19.59 -10.94
C ARG A 103 -8.62 -19.95 -10.23
N LEU A 104 -8.70 -20.20 -8.92
CA LEU A 104 -7.71 -20.96 -8.15
C LEU A 104 -7.52 -22.32 -8.80
N GLU A 105 -6.26 -22.75 -8.96
CA GLU A 105 -5.95 -24.07 -9.57
C GLU A 105 -6.72 -25.15 -8.79
N GLY A 106 -7.51 -25.94 -9.48
CA GLY A 106 -8.28 -27.04 -8.90
C GLY A 106 -9.54 -26.59 -8.17
N ALA A 107 -9.97 -25.33 -8.26
CA ALA A 107 -11.29 -24.90 -7.77
C ALA A 107 -12.39 -25.35 -8.74
N ARG A 108 -13.60 -25.55 -8.21
CA ARG A 108 -14.77 -26.02 -8.98
C ARG A 108 -15.24 -24.87 -9.86
N GLN A 109 -15.19 -23.65 -9.32
CA GLN A 109 -15.88 -22.49 -9.93
C GLN A 109 -14.87 -21.40 -10.28
N ALA A 110 -15.09 -20.75 -11.41
CA ALA A 110 -14.38 -19.54 -11.88
C ALA A 110 -14.78 -18.38 -10.96
N THR A 111 -13.77 -17.58 -10.60
CA THR A 111 -13.90 -16.41 -9.70
C THR A 111 -13.37 -15.14 -10.37
N ALA A 112 -12.87 -15.18 -11.62
CA ALA A 112 -12.40 -13.99 -12.33
C ALA A 112 -12.73 -14.03 -13.83
N VAL A 113 -13.12 -12.87 -14.36
CA VAL A 113 -13.38 -12.62 -15.79
C VAL A 113 -12.13 -11.99 -16.45
N PRO A 114 -11.59 -12.61 -17.51
CA PRO A 114 -10.42 -12.02 -18.19
C PRO A 114 -10.74 -10.61 -18.71
N TRP A 115 -9.88 -9.65 -18.42
CA TRP A 115 -10.08 -8.26 -18.83
C TRP A 115 -9.08 -7.85 -19.91
N PHE A 116 -7.78 -7.79 -19.59
CA PHE A 116 -6.73 -7.63 -20.63
C PHE A 116 -5.55 -8.56 -20.34
N SER A 117 -4.76 -8.77 -21.39
CA SER A 117 -3.49 -9.52 -21.38
C SER A 117 -2.35 -8.55 -21.61
N GLU A 118 -1.20 -8.91 -21.08
CA GLU A 118 0.09 -8.24 -21.42
C GLU A 118 1.20 -9.29 -21.31
N LEU A 119 2.26 -9.09 -22.09
CA LEU A 119 3.42 -9.98 -22.04
C LEU A 119 4.64 -9.11 -22.30
N ARG A 120 5.81 -9.64 -22.00
CA ARG A 120 7.05 -8.82 -21.91
C ARG A 120 7.89 -9.12 -23.15
N ALA A 121 8.50 -8.04 -23.66
CA ALA A 121 9.49 -8.08 -24.73
C ALA A 121 10.48 -6.94 -24.49
N PHE A 122 11.47 -6.82 -25.35
CA PHE A 122 12.46 -5.73 -25.28
C PHE A 122 12.09 -4.62 -26.24
N TYR A 123 11.95 -3.43 -25.68
CA TYR A 123 12.01 -2.19 -26.45
C TYR A 123 13.49 -1.92 -26.72
N TYR A 124 13.80 -1.36 -27.88
CA TYR A 124 15.18 -0.97 -28.23
C TYR A 124 15.15 0.27 -29.11
N ARG A 125 16.23 1.05 -28.98
CA ARG A 125 16.48 2.25 -29.75
C ARG A 125 17.03 1.85 -31.11
N THR A 126 16.26 2.04 -32.17
CA THR A 126 16.66 1.63 -33.55
C THR A 126 17.88 2.43 -33.95
N ASP A 127 17.93 3.70 -33.64
CA ASP A 127 19.10 4.59 -33.96
C ASP A 127 20.32 4.11 -33.17
N ALA A 128 20.17 3.72 -31.90
CA ALA A 128 21.38 3.29 -31.12
C ALA A 128 21.91 1.94 -31.63
N LEU A 129 21.02 0.97 -31.89
CA LEU A 129 21.48 -0.36 -32.34
C LEU A 129 22.20 -0.19 -33.68
N LYS A 130 21.66 0.63 -34.56
CA LYS A 130 22.32 0.86 -35.86
C LYS A 130 23.71 1.48 -35.65
N ALA A 131 23.87 2.45 -34.74
CA ALA A 131 25.12 3.21 -34.62
C ALA A 131 26.12 2.26 -33.94
N ALA A 132 25.66 1.28 -33.16
CA ALA A 132 26.54 0.31 -32.50
C ALA A 132 26.89 -0.81 -33.48
N GLY A 133 26.22 -0.91 -34.61
CA GLY A 133 26.40 -2.03 -35.55
C GLY A 133 25.72 -3.30 -35.06
N VAL A 134 24.62 -3.18 -34.34
CA VAL A 134 23.91 -4.38 -33.79
C VAL A 134 22.68 -4.64 -34.65
N ASN A 135 22.59 -5.85 -35.20
CA ASN A 135 21.39 -6.36 -35.92
C ASN A 135 20.49 -6.94 -34.83
N PRO A 136 19.29 -6.36 -34.58
CA PRO A 136 18.40 -6.87 -33.58
C PRO A 136 18.05 -8.35 -33.81
N ALA A 137 18.02 -8.86 -35.04
CA ALA A 137 17.67 -10.26 -35.35
C ALA A 137 18.75 -11.15 -34.73
N GLU A 138 20.01 -10.70 -34.64
CA GLU A 138 21.06 -11.46 -33.91
C GLU A 138 20.98 -11.25 -32.40
N MET A 139 20.85 -10.01 -31.97
CA MET A 139 20.92 -9.69 -30.53
C MET A 139 19.82 -10.45 -29.77
N PHE A 140 18.64 -10.62 -30.40
CA PHE A 140 17.43 -11.09 -29.68
C PHE A 140 17.18 -12.55 -30.01
N ALA A 141 18.14 -13.24 -30.63
CA ALA A 141 17.97 -14.66 -30.94
C ALA A 141 18.31 -15.54 -29.72
N SER A 142 19.37 -15.21 -28.99
CA SER A 142 20.02 -16.20 -28.10
C SER A 142 20.63 -15.43 -26.95
N TRP A 143 20.91 -16.09 -25.84
CA TRP A 143 21.60 -15.41 -24.72
C TRP A 143 22.93 -14.86 -25.21
N GLN A 144 23.65 -15.65 -26.02
CA GLN A 144 25.03 -15.23 -26.41
C GLN A 144 24.89 -14.02 -27.35
N GLY A 145 23.89 -14.00 -28.24
CA GLY A 145 23.65 -12.86 -29.13
C GLY A 145 23.28 -11.64 -28.27
N PHE A 146 22.53 -11.87 -27.21
CA PHE A 146 22.07 -10.79 -26.30
C PHE A 146 23.25 -10.10 -25.65
N GLU A 147 24.12 -10.87 -25.01
CA GLU A 147 25.32 -10.34 -24.36
C GLU A 147 26.27 -9.71 -25.40
N ALA A 148 26.42 -10.29 -26.58
CA ALA A 148 27.33 -9.74 -27.60
C ALA A 148 26.76 -8.41 -28.09
N GLY A 149 25.44 -8.30 -28.21
CA GLY A 149 24.80 -7.02 -28.53
C GLY A 149 25.07 -5.98 -27.47
N LEU A 150 24.90 -6.32 -26.19
CA LEU A 150 25.17 -5.35 -25.11
C LEU A 150 26.62 -4.89 -25.18
N ALA A 151 27.58 -5.77 -25.47
CA ALA A 151 28.99 -5.42 -25.58
C ALA A 151 29.18 -4.39 -26.72
N ARG A 152 28.59 -4.58 -27.90
CA ARG A 152 28.68 -3.58 -29.01
C ARG A 152 28.00 -2.26 -28.61
N LEU A 153 26.88 -2.34 -27.88
CA LEU A 153 26.21 -1.13 -27.36
C LEU A 153 27.12 -0.38 -26.38
N LYS A 154 27.86 -1.09 -25.53
CA LYS A 154 28.78 -0.44 -24.53
C LYS A 154 29.93 0.27 -25.25
N ALA A 155 30.45 -0.27 -26.34
CA ALA A 155 31.58 0.26 -27.12
C ALA A 155 31.12 1.29 -28.14
N SER A 156 29.82 1.48 -28.23
CA SER A 156 29.27 2.49 -29.20
C SER A 156 29.75 3.91 -28.84
N SER A 157 30.00 4.72 -29.86
CA SER A 157 30.26 6.18 -29.72
C SER A 157 28.97 6.97 -29.88
N PHE A 158 27.81 6.32 -30.07
CA PHE A 158 26.51 7.01 -30.22
C PHE A 158 26.18 7.85 -28.97
N ARG A 159 25.59 9.01 -29.22
CA ARG A 159 25.06 9.89 -28.13
C ARG A 159 23.64 10.32 -28.49
N ASP A 160 22.73 10.32 -27.53
CA ASP A 160 21.34 10.71 -27.83
C ASP A 160 21.35 12.15 -28.34
N PRO A 161 20.60 12.52 -29.40
CA PRO A 161 20.66 13.88 -29.94
C PRO A 161 20.00 14.92 -29.00
N GLU A 162 19.27 14.50 -27.99
CA GLU A 162 18.65 15.46 -27.02
C GLU A 162 19.50 15.46 -25.74
N THR A 163 19.91 14.35 -25.19
CA THR A 163 20.69 14.34 -23.92
C THR A 163 22.13 14.79 -24.21
N LYS A 164 22.61 14.60 -25.45
CA LYS A 164 24.04 14.82 -25.81
C LYS A 164 24.90 13.87 -24.95
N ALA A 165 24.32 12.81 -24.45
CA ALA A 165 25.04 11.85 -23.58
C ALA A 165 24.95 10.46 -24.18
N PRO A 166 25.90 9.57 -23.77
CA PRO A 166 25.83 8.15 -24.13
C PRO A 166 24.55 7.51 -23.61
N LEU A 167 24.16 6.36 -24.15
CA LEU A 167 23.07 5.52 -23.56
C LEU A 167 23.68 4.34 -22.81
N ALA A 168 23.09 3.93 -21.71
CA ALA A 168 23.34 2.60 -21.11
C ALA A 168 22.85 1.53 -22.10
N PRO A 169 23.57 0.40 -22.27
CA PRO A 169 23.11 -0.69 -23.14
C PRO A 169 21.74 -1.20 -22.67
N LEU A 170 21.64 -1.45 -21.35
CA LEU A 170 20.42 -2.05 -20.77
C LEU A 170 20.06 -1.32 -19.47
N CYS A 171 18.79 -1.02 -19.33
CA CYS A 171 18.17 -0.63 -18.05
C CYS A 171 17.30 -1.74 -17.49
N THR A 172 17.49 -2.12 -16.23
CA THR A 172 16.56 -3.00 -15.51
C THR A 172 16.52 -2.51 -14.07
N PRO A 173 15.36 -2.54 -13.40
CA PRO A 173 15.25 -2.09 -12.02
C PRO A 173 15.92 -3.03 -11.01
N GLY A 174 16.71 -2.49 -10.10
CA GLY A 174 17.28 -3.23 -8.95
C GLY A 174 16.47 -2.98 -7.69
N ARG A 175 16.18 -1.70 -7.42
CA ARG A 175 15.65 -1.14 -6.14
C ARG A 175 14.31 -1.61 -5.57
N THR A 176 13.28 -1.58 -6.40
CA THR A 176 11.92 -2.06 -6.05
C THR A 176 11.92 -3.26 -6.98
N PRO A 177 12.15 -4.47 -6.41
CA PRO A 177 11.75 -5.71 -7.04
C PRO A 177 10.39 -5.95 -6.37
N ARG A 178 9.31 -5.42 -6.93
CA ARG A 178 7.92 -5.80 -6.55
C ARG A 178 7.57 -7.19 -7.11
N THR A 179 8.16 -7.60 -8.23
CA THR A 179 7.77 -8.87 -8.91
C THR A 179 8.99 -9.69 -9.38
N LEU A 180 8.75 -10.96 -9.69
CA LEU A 180 9.73 -11.78 -10.40
C LEU A 180 9.56 -11.59 -11.89
N HIS A 181 8.70 -10.71 -12.41
CA HIS A 181 8.39 -10.75 -13.87
C HIS A 181 9.65 -10.47 -14.71
N ASN A 182 10.56 -9.61 -14.23
CA ASN A 182 11.81 -9.29 -14.93
C ASN A 182 12.75 -10.50 -14.94
N ALA A 183 12.76 -11.30 -13.87
CA ALA A 183 13.71 -12.38 -13.63
C ALA A 183 13.19 -13.69 -14.26
N ALA A 184 11.87 -13.87 -14.37
CA ALA A 184 11.25 -15.17 -14.71
C ALA A 184 11.68 -15.66 -16.07
N PRO A 185 11.76 -14.83 -17.12
CA PRO A 185 12.12 -15.39 -18.42
C PRO A 185 13.51 -16.00 -18.36
N TRP A 186 14.42 -15.43 -17.55
CA TRP A 186 15.82 -15.92 -17.46
C TRP A 186 15.81 -17.26 -16.73
N ILE A 187 15.11 -17.35 -15.58
CA ILE A 187 14.86 -18.64 -14.89
C ILE A 187 14.34 -19.66 -15.90
N TRP A 188 13.31 -19.30 -16.67
CA TRP A 188 12.63 -20.29 -17.54
C TRP A 188 13.53 -20.73 -18.69
N GLY A 189 14.26 -19.78 -19.30
CA GLY A 189 15.09 -20.04 -20.47
C GLY A 189 16.22 -20.97 -20.13
N ALA A 190 16.65 -20.99 -18.86
CA ALA A 190 17.72 -21.91 -18.41
C ALA A 190 17.17 -23.31 -18.18
N GLY A 191 15.86 -23.49 -18.26
CA GLY A 191 15.15 -24.73 -17.90
C GLY A 191 14.72 -24.72 -16.45
N GLY A 192 14.70 -23.57 -15.78
CA GLY A 192 14.27 -23.47 -14.38
C GLY A 192 12.79 -23.14 -14.23
N GLU A 193 12.38 -22.97 -12.99
CA GLU A 193 10.98 -22.69 -12.57
C GLU A 193 11.09 -21.96 -11.26
N ILE A 194 10.07 -21.18 -10.90
CA ILE A 194 9.99 -20.55 -9.56
C ILE A 194 9.49 -21.59 -8.56
N VAL A 195 8.44 -22.33 -8.94
CA VAL A 195 7.93 -23.45 -8.10
C VAL A 195 7.69 -24.65 -9.02
N ARG A 196 7.61 -25.80 -8.39
CA ARG A 196 7.53 -27.13 -9.03
C ARG A 196 6.59 -28.03 -8.21
N GLN A 197 5.74 -28.79 -8.87
CA GLN A 197 4.83 -29.69 -8.13
C GLN A 197 5.38 -31.11 -8.22
N ALA A 198 5.44 -31.80 -7.10
CA ALA A 198 5.88 -33.21 -7.01
C ALA A 198 4.74 -34.10 -6.53
N GLY A 199 3.95 -34.62 -7.45
CA GLY A 199 2.82 -35.47 -7.06
C GLY A 199 1.92 -34.71 -6.12
N GLY A 200 1.53 -33.49 -6.47
CA GLY A 200 0.65 -32.77 -5.55
C GLY A 200 1.28 -31.60 -4.82
N ARG A 201 2.39 -31.77 -4.11
CA ARG A 201 2.98 -30.67 -3.30
C ARG A 201 3.82 -29.66 -4.11
N TRP A 202 3.61 -28.38 -3.86
CA TRP A 202 4.41 -27.35 -4.56
C TRP A 202 5.62 -27.04 -3.70
N GLN A 203 6.79 -26.88 -4.33
CA GLN A 203 8.00 -26.41 -3.62
C GLN A 203 8.70 -25.36 -4.48
N SER A 204 9.58 -24.54 -3.88
CA SER A 204 10.50 -23.62 -4.59
C SER A 204 11.42 -24.41 -5.52
N ALA A 205 11.70 -23.94 -6.71
CA ALA A 205 12.81 -24.45 -7.55
C ALA A 205 13.75 -23.29 -7.82
N LEU A 206 13.68 -22.21 -7.01
CA LEU A 206 14.59 -21.03 -7.25
C LEU A 206 16.05 -21.42 -7.04
N ASN A 207 16.30 -22.46 -6.26
CA ASN A 207 17.67 -22.90 -5.88
C ASN A 207 18.05 -24.18 -6.66
N SER A 208 17.31 -24.54 -7.71
CA SER A 208 17.67 -25.60 -8.68
C SER A 208 18.85 -25.11 -9.52
N PRO A 209 19.72 -26.00 -10.02
CA PRO A 209 20.85 -25.58 -10.82
C PRO A 209 20.40 -24.75 -12.03
N GLU A 210 19.30 -25.11 -12.67
CA GLU A 210 18.84 -24.41 -13.88
C GLU A 210 18.40 -22.99 -13.53
N SER A 211 17.60 -22.82 -12.48
CA SER A 211 17.10 -21.49 -12.09
C SER A 211 18.29 -20.61 -11.68
N LEU A 212 19.25 -21.16 -10.96
CA LEU A 212 20.43 -20.37 -10.54
C LEU A 212 21.24 -19.96 -11.75
N GLU A 213 21.35 -20.82 -12.78
CA GLU A 213 22.04 -20.49 -14.04
C GLU A 213 21.33 -19.31 -14.70
N GLY A 214 20.02 -19.33 -14.87
CA GLY A 214 19.30 -18.21 -15.49
C GLY A 214 19.45 -16.93 -14.67
N LEU A 215 19.24 -17.01 -13.36
CA LEU A 215 19.32 -15.84 -12.47
C LEU A 215 20.74 -15.24 -12.51
N TYR A 216 21.77 -16.08 -12.43
CA TYR A 216 23.15 -15.60 -12.43
C TYR A 216 23.42 -14.93 -13.79
N PHE A 217 22.94 -15.51 -14.90
CA PHE A 217 23.19 -14.97 -16.26
C PHE A 217 22.68 -13.55 -16.29
N PHE A 218 21.45 -13.36 -15.82
CA PHE A 218 20.73 -12.05 -15.89
C PHE A 218 21.36 -11.03 -14.94
N LEU A 219 21.56 -11.40 -13.67
CA LEU A 219 22.08 -10.47 -12.64
C LEU A 219 23.51 -10.08 -13.03
N SER A 220 24.27 -10.99 -13.61
CA SER A 220 25.69 -10.70 -13.91
C SER A 220 25.83 -9.74 -15.10
N LEU A 221 24.81 -9.60 -15.95
CA LEU A 221 24.87 -8.61 -17.07
C LEU A 221 25.13 -7.26 -16.43
N ALA A 222 24.45 -7.02 -15.31
CA ALA A 222 24.58 -5.76 -14.55
C ALA A 222 25.94 -5.71 -13.87
N GLN A 223 26.46 -6.82 -13.35
CA GLN A 223 27.80 -6.83 -12.70
C GLN A 223 28.88 -6.63 -13.77
N LYS A 224 28.60 -6.97 -15.04
CA LYS A 224 29.59 -6.85 -16.15
C LYS A 224 29.63 -5.42 -16.69
N GLY A 225 28.80 -4.49 -16.20
CA GLY A 225 28.80 -3.09 -16.66
C GLY A 225 27.78 -2.78 -17.76
N TYR A 226 26.85 -3.67 -18.07
CA TYR A 226 25.88 -3.42 -19.18
C TYR A 226 24.68 -2.58 -18.70
N VAL A 227 24.48 -2.59 -17.41
CA VAL A 227 23.43 -1.82 -16.70
C VAL A 227 24.17 -0.82 -15.83
N PRO A 228 23.90 0.50 -15.86
CA PRO A 228 24.53 1.41 -14.90
C PRO A 228 24.09 1.16 -13.44
N ALA A 229 24.99 1.42 -12.49
CA ALA A 229 24.73 1.31 -11.04
C ALA A 229 23.50 2.12 -10.67
N GLU A 230 23.34 3.32 -11.26
CA GLU A 230 22.13 4.18 -11.16
C GLU A 230 20.83 3.37 -11.23
N SER A 231 20.77 2.52 -12.25
CA SER A 231 19.53 1.83 -12.69
C SER A 231 19.13 0.83 -11.59
N LEU A 232 20.08 0.36 -10.78
CA LEU A 232 19.75 -0.59 -9.67
C LEU A 232 19.13 0.16 -8.48
N GLU A 233 19.10 1.50 -8.54
CA GLU A 233 18.48 2.44 -7.54
C GLU A 233 16.99 2.58 -7.79
N LYS A 234 16.51 2.09 -8.95
CA LYS A 234 15.25 2.55 -9.55
C LYS A 234 14.22 1.43 -9.63
N ASN A 235 12.98 1.82 -9.49
CA ASN A 235 11.83 0.92 -9.71
C ASN A 235 11.43 0.96 -11.20
N THR A 236 10.37 0.25 -11.51
CA THR A 236 9.86 0.04 -12.86
C THR A 236 9.47 1.38 -13.49
N ALA A 237 8.71 2.19 -12.76
CA ALA A 237 8.24 3.46 -13.34
C ALA A 237 9.46 4.37 -13.64
N GLN A 238 10.50 4.35 -12.81
CA GLN A 238 11.69 5.23 -13.03
C GLN A 238 12.49 4.70 -14.24
N ILE A 239 12.56 3.38 -14.43
CA ILE A 239 13.27 2.78 -15.58
C ILE A 239 12.51 3.19 -16.86
N GLU A 240 11.17 3.09 -16.88
CA GLU A 240 10.39 3.57 -18.04
C GLU A 240 10.77 5.02 -18.35
N ALA A 241 10.83 5.89 -17.34
CA ALA A 241 11.11 7.31 -17.57
C ALA A 241 12.52 7.45 -18.15
N ASP A 242 13.48 6.67 -17.64
CA ASP A 242 14.89 6.72 -18.14
C ASP A 242 14.94 6.32 -19.64
N PHE A 243 14.23 5.27 -20.03
CA PHE A 243 14.10 4.90 -21.46
C PHE A 243 13.49 6.03 -22.30
N GLN A 244 12.42 6.67 -21.80
CA GLN A 244 11.71 7.79 -22.47
C GLN A 244 12.60 9.01 -22.56
N ALA A 245 13.42 9.25 -21.55
CA ALA A 245 14.36 10.37 -21.54
C ALA A 245 15.67 10.07 -22.31
N GLY A 246 15.84 8.91 -22.96
CA GLY A 246 16.97 8.64 -23.86
C GLY A 246 18.23 8.18 -23.12
N LYS A 247 18.07 7.55 -21.97
CA LYS A 247 19.21 7.15 -21.11
C LYS A 247 19.55 5.69 -21.34
N CYS A 248 18.79 4.93 -22.13
CA CYS A 248 19.24 3.57 -22.36
C CYS A 248 18.68 3.00 -23.65
N ALA A 249 19.43 2.05 -24.21
CA ALA A 249 19.25 1.51 -25.58
C ALA A 249 18.20 0.43 -25.56
N VAL A 250 18.10 -0.31 -24.47
CA VAL A 250 17.26 -1.54 -24.39
C VAL A 250 16.61 -1.64 -23.01
N PHE A 251 15.34 -2.07 -22.97
CA PHE A 251 14.67 -2.46 -21.70
C PHE A 251 13.40 -3.26 -21.94
N ALA A 252 13.07 -4.07 -20.93
CA ALA A 252 11.96 -5.03 -20.95
C ALA A 252 10.70 -4.37 -20.39
N SER A 253 9.61 -4.43 -21.14
CA SER A 253 8.33 -3.88 -20.66
C SER A 253 7.20 -4.62 -21.43
N GLY A 254 5.98 -4.21 -21.17
CA GLY A 254 4.78 -4.75 -21.82
C GLY A 254 4.38 -3.79 -22.94
N PRO A 255 3.28 -4.12 -23.64
CA PRO A 255 2.90 -3.39 -24.86
C PRO A 255 2.33 -1.98 -24.61
N TRP A 256 2.06 -1.65 -23.35
CA TRP A 256 1.53 -0.31 -23.02
C TRP A 256 2.49 0.78 -23.48
N MET A 257 3.78 0.51 -23.53
CA MET A 257 4.76 1.55 -23.91
C MET A 257 4.56 1.99 -25.37
N ILE A 258 4.03 1.12 -26.26
CA ILE A 258 3.73 1.49 -27.66
C ILE A 258 2.67 2.60 -27.62
N GLN A 259 1.64 2.43 -26.81
CA GLN A 259 0.53 3.41 -26.73
C GLN A 259 1.08 4.70 -26.15
N ARG A 260 1.90 4.62 -25.09
CA ARG A 260 2.44 5.82 -24.44
C ARG A 260 3.32 6.57 -25.46
N ALA A 261 3.98 5.87 -26.38
CA ALA A 261 4.90 6.46 -27.39
C ALA A 261 4.15 7.25 -28.43
N GLN A 262 2.88 6.99 -28.66
CA GLN A 262 2.11 7.77 -29.65
C GLN A 262 1.26 8.80 -28.89
N VAL A 263 1.50 9.05 -27.61
CA VAL A 263 0.73 10.07 -26.83
C VAL A 263 1.65 11.24 -26.52
N PRO A 264 1.18 12.49 -26.76
CA PRO A 264 1.99 13.65 -26.40
C PRO A 264 2.37 13.65 -24.90
N GLU A 265 3.50 14.26 -24.60
CA GLU A 265 3.95 14.38 -23.20
C GLU A 265 2.87 15.06 -22.34
N ALA A 266 2.20 16.06 -22.88
CA ALA A 266 1.10 16.79 -22.19
C ALA A 266 0.04 15.80 -21.68
N LYS A 267 -0.12 14.63 -22.31
CA LYS A 267 -1.21 13.66 -22.01
C LYS A 267 -0.63 12.38 -21.38
N GLY A 268 0.64 12.42 -20.96
CA GLY A 268 1.23 11.34 -20.16
C GLY A 268 2.07 10.42 -21.01
N GLY A 269 2.35 10.81 -22.26
CA GLY A 269 3.09 9.96 -23.21
C GLY A 269 4.49 10.48 -23.43
N PHE A 270 5.15 10.04 -24.50
CA PHE A 270 6.52 10.52 -24.77
C PHE A 270 6.75 10.69 -26.28
N ALA A 271 5.72 11.06 -27.05
CA ALA A 271 5.72 11.05 -28.53
C ALA A 271 6.80 12.00 -29.06
N GLU A 272 7.06 13.11 -28.39
CA GLU A 272 8.08 14.09 -28.86
C GLU A 272 9.51 13.63 -28.53
N ARG A 273 9.72 12.59 -27.71
CA ARG A 273 11.11 12.16 -27.36
C ARG A 273 11.73 11.37 -28.52
N THR A 274 13.04 11.50 -28.66
CA THR A 274 13.81 10.64 -29.58
C THR A 274 13.45 9.15 -29.46
N ALA A 275 13.30 8.59 -28.26
CA ALA A 275 13.05 7.15 -28.10
C ALA A 275 11.74 6.79 -28.83
N ALA A 276 10.70 7.60 -28.69
CA ALA A 276 9.39 7.33 -29.33
C ALA A 276 9.54 7.33 -30.87
N LYS A 277 10.43 8.15 -31.44
CA LYS A 277 10.62 8.29 -32.89
C LYS A 277 11.62 7.26 -33.41
N ASN A 278 12.27 6.49 -32.53
CA ASN A 278 13.28 5.51 -32.96
C ASN A 278 13.05 4.21 -32.18
N LEU A 279 11.82 3.69 -32.27
CA LEU A 279 11.37 2.65 -31.34
C LEU A 279 11.21 1.31 -32.03
N GLY A 280 11.91 0.30 -31.50
CA GLY A 280 11.79 -1.10 -31.91
C GLY A 280 11.39 -2.01 -30.77
N VAL A 281 10.79 -3.13 -31.13
CA VAL A 281 10.44 -4.20 -30.20
C VAL A 281 11.01 -5.52 -30.74
N ALA A 282 11.61 -6.28 -29.84
CA ALA A 282 12.14 -7.62 -30.14
C ALA A 282 11.81 -8.54 -28.99
N PRO A 283 11.60 -9.84 -29.25
CA PRO A 283 11.30 -10.78 -28.19
C PRO A 283 12.52 -11.04 -27.32
N TYR A 284 12.25 -11.54 -26.13
CA TYR A 284 13.27 -12.18 -25.26
C TYR A 284 14.03 -13.19 -26.10
N PRO A 285 15.35 -13.24 -25.95
CA PRO A 285 16.15 -14.22 -26.67
C PRO A 285 15.91 -15.62 -26.15
N ALA A 286 16.08 -16.66 -26.96
CA ALA A 286 15.93 -18.06 -26.51
C ALA A 286 17.08 -18.33 -25.55
N GLY A 287 16.81 -19.05 -24.48
CA GLY A 287 17.84 -19.48 -23.52
C GLY A 287 18.34 -20.86 -23.89
N PRO A 288 19.30 -21.44 -23.14
CA PRO A 288 19.80 -22.78 -23.48
C PRO A 288 18.71 -23.88 -23.46
N LYS A 289 17.61 -23.74 -22.74
CA LYS A 289 16.57 -24.79 -22.72
C LYS A 289 15.24 -24.30 -23.31
N GLY A 290 15.18 -23.11 -23.90
CA GLY A 290 13.93 -22.67 -24.55
C GLY A 290 13.75 -21.17 -24.52
N ARG A 291 12.76 -20.69 -25.26
CA ARG A 291 12.37 -19.27 -25.32
C ARG A 291 11.08 -19.14 -24.50
N TYR A 292 11.10 -18.23 -23.51
CA TYR A 292 9.91 -17.94 -22.68
C TYR A 292 9.86 -16.48 -22.39
N THR A 293 8.64 -15.96 -22.23
CA THR A 293 8.50 -14.60 -21.66
C THR A 293 7.41 -14.63 -20.61
N PHE A 294 7.37 -13.63 -19.75
CA PHE A 294 6.25 -13.48 -18.78
C PHE A 294 4.99 -13.08 -19.54
N PHE A 295 3.92 -13.86 -19.36
CA PHE A 295 2.56 -13.54 -19.88
C PHE A 295 1.60 -13.32 -18.70
N GLY A 296 1.04 -12.13 -18.60
CA GLY A 296 0.09 -11.82 -17.49
C GLY A 296 -1.04 -10.95 -17.95
N GLY A 297 -1.36 -9.92 -17.16
CA GLY A 297 -2.56 -9.12 -17.43
C GLY A 297 -3.44 -9.10 -16.20
N SER A 298 -4.66 -8.60 -16.37
CA SER A 298 -5.57 -8.41 -15.24
C SER A 298 -6.93 -8.99 -15.60
N ASN A 299 -7.61 -9.44 -14.55
CA ASN A 299 -9.01 -9.92 -14.66
C ASN A 299 -9.87 -9.00 -13.80
N LEU A 300 -11.18 -9.22 -13.83
CA LEU A 300 -12.10 -8.51 -12.93
C LEU A 300 -12.82 -9.54 -12.07
N ALA A 301 -13.01 -9.20 -10.82
CA ALA A 301 -13.72 -10.05 -9.87
C ALA A 301 -14.76 -9.26 -9.10
N LEU A 302 -15.76 -9.99 -8.63
CA LEU A 302 -16.95 -9.48 -7.91
C LEU A 302 -16.89 -9.99 -6.48
N PHE A 303 -16.80 -9.09 -5.50
CA PHE A 303 -16.85 -9.50 -4.07
C PHE A 303 -18.22 -10.08 -3.75
N ASN A 304 -18.24 -11.20 -3.03
CA ASN A 304 -19.47 -11.89 -2.58
C ASN A 304 -20.23 -11.07 -1.52
N PHE A 305 -19.69 -9.94 -1.03
CA PHE A 305 -20.47 -9.05 -0.11
C PHE A 305 -21.17 -7.95 -0.91
N SER A 306 -20.99 -7.84 -2.23
CA SER A 306 -21.67 -6.84 -3.10
C SER A 306 -23.17 -6.95 -2.88
N LYS A 307 -23.85 -5.81 -2.84
CA LYS A 307 -25.32 -5.72 -2.84
C LYS A 307 -25.85 -5.59 -4.25
N ASN A 308 -25.02 -5.60 -5.30
CA ASN A 308 -25.50 -5.40 -6.70
C ASN A 308 -24.95 -6.50 -7.61
N LYS A 309 -25.04 -7.78 -7.20
CA LYS A 309 -24.36 -8.85 -7.98
C LYS A 309 -24.93 -8.95 -9.40
N PRO A 310 -26.26 -9.04 -9.66
CA PRO A 310 -26.76 -9.07 -11.04
C PRO A 310 -26.25 -7.90 -11.92
N LEU A 311 -26.41 -6.66 -11.49
CA LEU A 311 -25.95 -5.51 -12.29
C LEU A 311 -24.42 -5.61 -12.54
N ALA A 312 -23.66 -6.06 -11.53
CA ALA A 312 -22.19 -6.12 -11.62
C ALA A 312 -21.85 -7.21 -12.63
N LYS A 313 -22.59 -8.32 -12.65
CA LYS A 313 -22.31 -9.39 -13.64
C LYS A 313 -22.60 -8.87 -15.06
N GLU A 314 -23.63 -8.01 -15.22
CA GLU A 314 -23.89 -7.33 -16.52
C GLU A 314 -22.67 -6.49 -16.89
N LEU A 315 -22.10 -5.75 -15.94
CA LEU A 315 -20.88 -4.95 -16.25
C LEU A 315 -19.71 -5.89 -16.59
N LEU A 316 -19.56 -7.00 -15.89
CA LEU A 316 -18.48 -7.95 -16.23
C LEU A 316 -18.66 -8.46 -17.67
N LYS A 317 -19.88 -8.80 -18.06
CA LYS A 317 -20.13 -9.37 -19.40
C LYS A 317 -19.80 -8.32 -20.48
N TYR A 318 -20.19 -7.06 -20.25
CA TYR A 318 -19.86 -5.91 -21.08
C TYR A 318 -18.34 -5.73 -21.16
N LEU A 319 -17.64 -5.66 -20.04
CA LEU A 319 -16.17 -5.39 -20.07
C LEU A 319 -15.42 -6.56 -20.71
N GLY A 320 -15.94 -7.78 -20.59
CA GLY A 320 -15.36 -9.02 -21.14
C GLY A 320 -15.58 -9.21 -22.64
N GLY A 321 -16.53 -8.45 -23.22
CA GLY A 321 -17.10 -8.70 -24.56
C GLY A 321 -16.32 -7.98 -25.65
N PRO A 322 -16.55 -8.39 -26.92
CA PRO A 322 -15.76 -7.91 -28.05
C PRO A 322 -15.54 -6.38 -28.10
N GLU A 323 -16.62 -5.60 -28.01
CA GLU A 323 -16.56 -4.13 -28.20
C GLU A 323 -15.66 -3.51 -27.13
N ALA A 324 -15.92 -3.76 -25.85
CA ALA A 324 -15.18 -3.13 -24.73
C ALA A 324 -13.75 -3.67 -24.69
N GLN A 325 -13.56 -4.92 -25.10
CA GLN A 325 -12.26 -5.61 -25.14
C GLN A 325 -11.37 -4.87 -26.11
N VAL A 326 -11.85 -4.58 -27.33
CA VAL A 326 -11.05 -3.87 -28.36
C VAL A 326 -10.80 -2.46 -27.82
N ARG A 327 -11.84 -1.79 -27.33
CA ARG A 327 -11.69 -0.37 -26.96
C ARG A 327 -10.73 -0.22 -25.78
N TYR A 328 -10.81 -1.05 -24.75
CA TYR A 328 -9.93 -0.85 -23.56
C TYR A 328 -8.48 -1.17 -23.93
N ALA A 329 -8.27 -2.20 -24.76
CA ALA A 329 -6.92 -2.54 -25.24
C ALA A 329 -6.37 -1.34 -26.01
N GLN A 330 -7.18 -0.67 -26.83
CA GLN A 330 -6.69 0.54 -27.52
C GLN A 330 -6.32 1.62 -26.52
N MET A 331 -7.12 1.82 -25.50
CA MET A 331 -6.94 2.98 -24.59
C MET A 331 -5.66 2.72 -23.76
N THR A 332 -5.33 1.48 -23.50
CA THR A 332 -4.25 1.08 -22.56
C THR A 332 -2.97 0.69 -23.28
N GLY A 333 -3.03 0.20 -24.51
CA GLY A 333 -1.86 -0.46 -25.15
C GLY A 333 -1.67 -1.87 -24.64
N MET A 334 -2.63 -2.40 -23.89
CA MET A 334 -2.64 -3.83 -23.53
C MET A 334 -3.23 -4.62 -24.70
N LEU A 335 -3.19 -5.94 -24.63
CA LEU A 335 -3.92 -6.81 -25.54
C LEU A 335 -5.24 -7.27 -24.92
N PRO A 336 -6.27 -7.51 -25.76
CA PRO A 336 -7.50 -8.09 -25.28
C PRO A 336 -7.22 -9.38 -24.53
N ALA A 337 -8.05 -9.69 -23.56
CA ALA A 337 -8.04 -11.00 -22.92
C ALA A 337 -8.82 -11.99 -23.79
N LEU A 338 -9.84 -11.52 -24.48
CA LEU A 338 -10.73 -12.36 -25.33
C LEU A 338 -10.07 -12.68 -26.68
N ARG A 339 -9.83 -13.97 -26.96
CA ARG A 339 -8.88 -14.41 -28.01
C ARG A 339 -9.35 -13.85 -29.35
N SER A 340 -10.63 -13.87 -29.59
CA SER A 340 -11.18 -13.46 -30.91
C SER A 340 -10.78 -12.01 -31.20
N ALA A 341 -10.75 -11.16 -30.17
CA ALA A 341 -10.50 -9.71 -30.27
C ALA A 341 -9.07 -9.43 -30.76
N TRP A 342 -8.15 -10.39 -30.66
CA TRP A 342 -6.74 -10.25 -31.08
C TRP A 342 -6.72 -10.00 -32.57
N SER A 343 -7.72 -10.54 -33.25
CA SER A 343 -7.82 -10.50 -34.72
C SER A 343 -8.28 -9.09 -35.16
N ASP A 344 -8.67 -8.18 -34.25
CA ASP A 344 -9.12 -6.83 -34.73
C ASP A 344 -7.97 -6.20 -35.52
N PRO A 345 -8.19 -5.75 -36.78
CA PRO A 345 -7.13 -5.13 -37.55
C PRO A 345 -6.28 -4.06 -36.83
N SER A 346 -6.86 -3.33 -35.89
CA SER A 346 -6.12 -2.26 -35.20
C SER A 346 -4.97 -2.87 -34.39
N PHE A 347 -5.03 -4.14 -33.96
CA PHE A 347 -3.88 -4.79 -33.28
C PHE A 347 -2.97 -5.48 -34.26
N GLN A 348 -3.49 -6.05 -35.34
CA GLN A 348 -2.77 -6.96 -36.24
C GLN A 348 -1.87 -6.13 -37.12
N GLN A 349 -2.27 -4.91 -37.43
CA GLN A 349 -1.58 -3.99 -38.35
C GLN A 349 -0.69 -3.00 -37.57
N ASN A 350 -0.64 -3.05 -36.23
CA ASN A 350 0.38 -2.26 -35.48
C ASN A 350 1.73 -2.99 -35.52
N PRO A 351 2.76 -2.52 -36.27
CA PRO A 351 3.99 -3.28 -36.42
C PRO A 351 4.71 -3.64 -35.10
N LEU A 352 4.78 -2.71 -34.17
CA LEU A 352 5.43 -2.98 -32.84
C LEU A 352 4.55 -3.97 -32.07
N LEU A 353 3.23 -3.83 -32.14
CA LEU A 353 2.31 -4.70 -31.36
C LEU A 353 2.32 -6.11 -31.95
N ARG A 354 2.53 -6.25 -33.26
CA ARG A 354 2.52 -7.58 -33.91
C ARG A 354 3.66 -8.38 -33.29
N THR A 355 4.77 -7.72 -32.96
CA THR A 355 5.91 -8.42 -32.32
C THR A 355 5.49 -8.96 -30.96
N PHE A 356 4.74 -8.23 -30.14
CA PHE A 356 4.17 -8.76 -28.88
C PHE A 356 3.22 -9.93 -29.18
N ILE A 357 2.42 -9.79 -30.22
CA ILE A 357 1.41 -10.86 -30.57
C ILE A 357 2.17 -12.14 -30.93
N GLN A 358 3.18 -12.09 -31.80
CA GLN A 358 4.00 -13.28 -32.13
C GLN A 358 4.74 -13.79 -30.87
N ALA A 359 5.26 -12.90 -30.02
CA ALA A 359 6.01 -13.31 -28.81
C ALA A 359 5.09 -14.11 -27.86
N ALA A 360 3.76 -14.03 -28.02
CA ALA A 360 2.80 -14.77 -27.16
C ALA A 360 2.88 -16.29 -27.38
N GLN A 361 3.35 -16.76 -28.53
CA GLN A 361 3.65 -18.20 -28.74
C GLN A 361 4.53 -18.72 -27.58
N PHE A 362 5.40 -17.90 -26.99
CA PHE A 362 6.32 -18.38 -25.93
C PHE A 362 5.88 -17.87 -24.55
N GLY A 363 4.65 -17.40 -24.44
CA GLY A 363 4.20 -16.74 -23.20
C GLY A 363 4.09 -17.82 -22.12
N ARG A 364 4.41 -17.48 -20.89
CA ARG A 364 4.36 -18.44 -19.77
C ARG A 364 3.85 -17.71 -18.54
N THR A 365 2.99 -18.38 -17.80
CA THR A 365 2.32 -17.87 -16.59
C THR A 365 2.81 -18.62 -15.36
N TYR A 366 2.68 -18.01 -14.21
CA TYR A 366 2.82 -18.67 -12.90
C TYR A 366 1.56 -19.52 -12.69
N PRO A 367 1.69 -20.64 -11.94
CA PRO A 367 0.51 -21.39 -11.47
C PRO A 367 -0.34 -20.51 -10.54
N SER A 368 -1.65 -20.76 -10.58
CA SER A 368 -2.70 -20.00 -9.87
C SER A 368 -2.85 -20.53 -8.42
N LEU A 369 -1.85 -20.30 -7.58
CA LEU A 369 -1.79 -20.89 -6.22
C LEU A 369 -2.40 -19.96 -5.17
N ALA A 370 -3.10 -20.56 -4.20
CA ALA A 370 -3.52 -19.90 -2.95
C ALA A 370 -2.33 -19.13 -2.37
N GLY A 371 -1.14 -19.73 -2.30
CA GLY A 371 -0.09 -19.02 -1.55
C GLY A 371 0.71 -18.06 -2.41
N TRP A 372 0.24 -17.69 -3.63
CA TRP A 372 1.11 -17.02 -4.64
C TRP A 372 1.61 -15.67 -4.13
N GLY A 373 0.73 -14.86 -3.52
CA GLY A 373 1.14 -13.57 -2.94
C GLY A 373 2.37 -13.71 -2.06
N GLY A 374 2.35 -14.74 -1.20
CA GLY A 374 3.44 -15.04 -0.25
C GLY A 374 4.72 -15.41 -0.99
N VAL A 375 4.60 -16.31 -1.97
CA VAL A 375 5.75 -16.83 -2.76
C VAL A 375 6.43 -15.65 -3.46
N GLU A 376 5.66 -14.81 -4.13
CA GLU A 376 6.23 -13.68 -4.91
C GLU A 376 6.91 -12.71 -3.95
N ASN A 377 6.23 -12.42 -2.82
CA ASN A 377 6.73 -11.46 -1.81
C ASN A 377 8.07 -12.00 -1.30
N LEU A 378 8.12 -13.29 -0.96
CA LEU A 378 9.36 -13.86 -0.36
C LEU A 378 10.48 -13.88 -1.40
N ALA A 379 10.18 -14.27 -2.65
CA ALA A 379 11.16 -14.35 -3.75
C ALA A 379 11.81 -12.98 -4.00
N VAL A 380 10.99 -11.94 -4.13
CA VAL A 380 11.55 -10.61 -4.46
C VAL A 380 12.38 -10.08 -3.28
N GLN A 381 12.01 -10.38 -2.03
CA GLN A 381 12.78 -9.95 -0.84
C GLN A 381 14.20 -10.51 -0.98
N HIS A 382 14.30 -11.79 -1.30
CA HIS A 382 15.62 -12.48 -1.47
C HIS A 382 16.33 -12.03 -2.76
N LEU A 383 15.60 -11.91 -3.85
CA LEU A 383 16.18 -11.38 -5.13
C LEU A 383 16.72 -9.95 -4.93
N GLY A 384 16.03 -9.12 -4.15
CA GLY A 384 16.47 -7.76 -3.75
C GLY A 384 17.87 -7.78 -3.14
N MET A 385 18.12 -8.74 -2.28
CA MET A 385 19.44 -8.91 -1.64
C MET A 385 20.47 -9.37 -2.66
N ALA A 386 20.09 -10.15 -3.66
CA ALA A 386 21.04 -10.55 -4.75
C ALA A 386 21.44 -9.30 -5.55
N TRP A 387 20.47 -8.45 -5.88
CA TRP A 387 20.71 -7.17 -6.59
C TRP A 387 21.63 -6.27 -5.75
N ASP A 388 21.47 -6.27 -4.43
CA ASP A 388 22.38 -5.52 -3.51
C ASP A 388 23.82 -6.02 -3.66
N LEU A 389 24.01 -7.32 -3.84
CA LEU A 389 25.37 -7.86 -4.07
C LEU A 389 25.89 -7.38 -5.45
N VAL A 390 25.04 -7.41 -6.48
CA VAL A 390 25.39 -6.94 -7.84
C VAL A 390 25.93 -5.52 -7.72
N ALA A 391 25.15 -4.61 -7.13
CA ALA A 391 25.51 -3.19 -6.98
C ALA A 391 26.91 -3.04 -6.36
N GLN A 392 27.33 -3.99 -5.53
CA GLN A 392 28.66 -3.95 -4.85
C GLN A 392 29.69 -4.83 -5.59
N GLY A 393 29.37 -5.41 -6.75
CA GLY A 393 30.22 -6.34 -7.52
C GLY A 393 30.56 -7.66 -6.81
N ARG A 394 29.70 -8.10 -5.89
CA ARG A 394 29.98 -9.24 -4.97
C ARG A 394 29.01 -10.39 -5.22
N LEU A 395 28.23 -10.36 -6.28
CA LEU A 395 27.40 -11.55 -6.61
C LEU A 395 28.27 -12.63 -7.24
N THR A 396 28.53 -13.69 -6.50
CA THR A 396 29.10 -14.95 -6.99
C THR A 396 27.99 -15.98 -7.06
N ARG A 397 28.22 -17.05 -7.80
CA ARG A 397 27.26 -18.15 -7.93
C ARG A 397 26.96 -18.74 -6.54
N GLU A 398 28.01 -18.86 -5.70
CA GLU A 398 27.90 -19.37 -4.30
C GLU A 398 26.97 -18.47 -3.50
N ALA A 399 27.20 -17.17 -3.53
CA ALA A 399 26.35 -16.23 -2.78
C ALA A 399 24.90 -16.28 -3.30
N LEU A 400 24.70 -16.36 -4.63
CA LEU A 400 23.35 -16.43 -5.21
C LEU A 400 22.67 -17.67 -4.68
N LYS A 401 23.38 -18.82 -4.69
CA LYS A 401 22.81 -20.10 -4.23
C LYS A 401 22.41 -19.97 -2.76
N ASP A 402 23.28 -19.40 -1.93
CA ASP A 402 23.04 -19.20 -0.48
CA ASP A 402 23.01 -19.28 -0.47
C ASP A 402 21.71 -18.46 -0.29
N LEU A 403 21.52 -17.37 -1.06
CA LEU A 403 20.31 -16.52 -1.00
C LEU A 403 19.08 -17.29 -1.52
N MET A 404 19.18 -18.06 -2.60
CA MET A 404 17.99 -18.79 -3.10
C MET A 404 17.70 -20.03 -2.23
N ASP A 405 18.68 -20.58 -1.52
CA ASP A 405 18.44 -21.66 -0.52
C ASP A 405 17.56 -21.07 0.59
N LYS A 406 17.87 -19.88 1.05
CA LYS A 406 17.07 -19.20 2.11
C LYS A 406 15.67 -18.88 1.53
N ALA A 407 15.60 -18.29 0.36
CA ALA A 407 14.32 -17.99 -0.30
C ALA A 407 13.48 -19.26 -0.41
N SER A 408 14.10 -20.41 -0.74
CA SER A 408 13.36 -21.67 -0.93
C SER A 408 12.85 -22.21 0.40
N ALA A 409 13.64 -22.11 1.47
CA ALA A 409 13.17 -22.50 2.81
C ALA A 409 11.93 -21.64 3.15
N ALA A 410 11.97 -20.34 2.87
CA ALA A 410 10.85 -19.40 3.25
C ALA A 410 9.61 -19.76 2.43
N ILE A 411 9.83 -19.96 1.14
CA ILE A 411 8.76 -20.33 0.19
C ILE A 411 8.14 -21.67 0.55
N ASN A 412 8.93 -22.68 0.87
CA ASN A 412 8.42 -24.04 1.15
C ASN A 412 7.60 -23.96 2.43
N GLN A 413 8.14 -23.26 3.43
CA GLN A 413 7.45 -23.09 4.73
C GLN A 413 6.11 -22.42 4.44
N ALA A 414 6.04 -21.40 3.61
CA ALA A 414 4.75 -20.76 3.30
C ALA A 414 3.79 -21.71 2.55
N LEU A 415 4.27 -22.42 1.51
CA LEU A 415 3.44 -23.38 0.72
C LEU A 415 2.86 -24.49 1.60
N ARG A 416 3.59 -24.99 2.60
CA ARG A 416 3.04 -25.95 3.61
C ARG A 416 2.12 -25.16 4.57
N HIS A 417 0.88 -24.85 4.19
CA HIS A 417 -0.09 -24.13 5.06
C HIS A 417 -1.52 -24.29 4.52
N LYS B 3 -38.40 2.88 12.36
CA LYS B 3 -37.38 4.03 12.55
C LYS B 3 -35.92 3.56 12.30
N THR B 4 -35.11 4.43 11.69
CA THR B 4 -33.74 4.16 11.19
C THR B 4 -32.76 5.27 11.61
N LEU B 5 -31.58 4.90 12.05
CA LEU B 5 -30.44 5.82 12.25
C LEU B 5 -29.37 5.43 11.26
N GLU B 6 -28.65 6.42 10.79
CA GLU B 6 -27.47 6.17 9.94
C GLU B 6 -26.25 6.58 10.71
N VAL B 7 -25.24 5.71 10.75
CA VAL B 7 -23.96 6.00 11.43
C VAL B 7 -22.83 5.78 10.42
N TRP B 8 -21.92 6.75 10.32
CA TRP B 8 -20.68 6.50 9.55
C TRP B 8 -19.54 6.17 10.52
N ILE B 9 -18.74 5.16 10.20
CA ILE B 9 -17.57 4.78 11.06
C ILE B 9 -16.39 4.52 10.15
N MET B 10 -15.19 4.56 10.72
CA MET B 10 -13.94 4.15 10.07
C MET B 10 -13.60 2.69 10.46
N PRO B 11 -12.60 2.03 9.81
CA PRO B 11 -12.41 0.60 9.97
C PRO B 11 -11.70 0.23 11.29
N ASN B 12 -12.35 0.37 12.42
CA ASN B 12 -11.71 0.33 13.75
C ASN B 12 -11.36 -1.10 14.17
N SER B 13 -11.99 -2.11 13.54
CA SER B 13 -11.87 -3.54 13.91
C SER B 13 -11.66 -4.33 12.64
N PRO B 14 -11.30 -5.61 12.69
CA PRO B 14 -10.99 -6.35 11.45
C PRO B 14 -12.22 -6.52 10.54
N GLN B 15 -13.41 -6.78 11.09
CA GLN B 15 -14.69 -6.81 10.34
C GLN B 15 -15.59 -5.68 10.83
N PRO B 16 -15.33 -4.47 10.32
CA PRO B 16 -15.77 -3.25 11.01
C PRO B 16 -17.28 -3.11 11.08
N ALA B 17 -17.98 -3.44 10.01
CA ALA B 17 -19.45 -3.31 9.94
C ALA B 17 -20.06 -4.39 10.85
N GLU B 18 -19.58 -5.64 10.75
CA GLU B 18 -20.06 -6.79 11.56
C GLU B 18 -19.91 -6.48 13.05
N ASP B 19 -18.77 -5.96 13.48
CA ASP B 19 -18.48 -5.69 14.90
C ASP B 19 -19.46 -4.60 15.38
N PHE B 20 -19.65 -3.55 14.59
CA PHE B 20 -20.49 -2.39 15.01
C PHE B 20 -21.96 -2.87 15.09
N LYS B 21 -22.42 -3.60 14.07
CA LYS B 21 -23.79 -4.20 14.11
C LYS B 21 -23.92 -5.06 15.38
N ALA B 22 -22.94 -5.91 15.70
CA ALA B 22 -23.08 -6.78 16.89
C ALA B 22 -23.14 -5.88 18.12
N LEU B 23 -22.34 -4.80 18.17
CA LEU B 23 -22.27 -3.88 19.33
C LEU B 23 -23.65 -3.26 19.57
N VAL B 24 -24.35 -2.84 18.51
CA VAL B 24 -25.59 -2.03 18.65
C VAL B 24 -26.84 -2.92 18.65
N ALA B 25 -26.76 -4.22 18.46
CA ALA B 25 -27.96 -5.14 18.40
C ALA B 25 -28.83 -5.03 19.66
N PRO B 26 -28.28 -5.00 20.90
CA PRO B 26 -29.09 -4.78 22.10
C PRO B 26 -29.83 -3.45 22.05
N PHE B 27 -29.19 -2.43 21.48
CA PHE B 27 -29.77 -1.10 21.34
C PHE B 27 -30.97 -1.18 20.38
N GLU B 28 -30.75 -1.78 19.20
CA GLU B 28 -31.79 -1.97 18.17
C GLU B 28 -33.02 -2.68 18.77
N LYS B 29 -32.79 -3.77 19.48
CA LYS B 29 -33.90 -4.57 20.09
C LYS B 29 -34.67 -3.71 21.09
N ALA B 30 -33.98 -2.98 21.96
CA ALA B 30 -34.60 -2.22 23.08
C ALA B 30 -35.34 -0.99 22.56
N HIS B 31 -34.83 -0.31 21.53
CA HIS B 31 -35.47 0.90 20.97
C HIS B 31 -36.40 0.52 19.79
N GLY B 32 -36.39 -0.71 19.29
CA GLY B 32 -37.15 -1.14 18.08
C GLY B 32 -36.77 -0.33 16.85
N VAL B 33 -35.46 -0.19 16.59
CA VAL B 33 -34.92 0.66 15.51
C VAL B 33 -33.81 -0.12 14.77
N GLU B 34 -33.61 0.21 13.50
CA GLU B 34 -32.48 -0.27 12.68
C GLU B 34 -31.38 0.80 12.66
N VAL B 35 -30.15 0.40 12.96
CA VAL B 35 -28.95 1.27 12.77
C VAL B 35 -28.23 0.78 11.51
N LYS B 36 -28.21 1.58 10.46
CA LYS B 36 -27.47 1.28 9.21
C LYS B 36 -26.08 1.90 9.38
N VAL B 37 -25.02 1.12 9.15
CA VAL B 37 -23.64 1.62 9.33
C VAL B 37 -23.05 1.65 7.92
N THR B 38 -22.27 2.68 7.64
CA THR B 38 -21.41 2.74 6.45
C THR B 38 -19.98 2.85 7.00
N VAL B 39 -19.09 1.98 6.56
CA VAL B 39 -17.66 2.04 6.91
C VAL B 39 -16.94 2.85 5.83
N LEU B 40 -16.25 3.92 6.26
CA LEU B 40 -15.45 4.82 5.39
C LEU B 40 -13.97 4.59 5.72
N ASP B 41 -13.19 4.39 4.70
CA ASP B 41 -11.72 4.36 4.79
C ASP B 41 -11.25 5.69 5.40
N TRP B 42 -10.24 5.66 6.25
CA TRP B 42 -9.67 6.89 6.87
C TRP B 42 -9.28 7.87 5.79
N GLY B 43 -8.75 7.36 4.70
CA GLY B 43 -8.28 8.23 3.58
C GLY B 43 -9.41 8.99 2.93
N VAL B 44 -10.67 8.58 3.08
CA VAL B 44 -11.84 9.18 2.38
C VAL B 44 -12.75 9.84 3.43
N ALA B 45 -12.60 9.50 4.71
CA ALA B 45 -13.44 9.99 5.82
C ALA B 45 -13.44 11.51 5.89
N TRP B 46 -12.29 12.15 5.74
CA TRP B 46 -12.21 13.63 5.82
C TRP B 46 -13.12 14.25 4.74
N THR B 47 -13.02 13.79 3.51
CA THR B 47 -13.76 14.32 2.34
C THR B 47 -15.25 14.07 2.55
N LYS B 48 -15.58 12.85 2.96
CA LYS B 48 -17.00 12.45 3.14
C LYS B 48 -17.64 13.33 4.20
N ILE B 49 -16.93 13.53 5.30
CA ILE B 49 -17.51 14.23 6.48
C ILE B 49 -17.62 15.72 6.17
N THR B 50 -16.60 16.33 5.53
CA THR B 50 -16.64 17.77 5.19
C THR B 50 -17.69 17.99 4.09
N THR B 51 -17.84 17.06 3.14
CA THR B 51 -18.93 17.14 2.17
C THR B 51 -20.31 17.07 2.85
N ALA B 52 -20.52 16.19 3.82
CA ALA B 52 -21.82 16.14 4.53
C ALA B 52 -21.98 17.50 5.19
N ALA B 53 -20.89 18.01 5.82
CA ALA B 53 -20.98 19.28 6.55
C ALA B 53 -21.38 20.40 5.61
N THR B 54 -20.83 20.50 4.39
CA THR B 54 -21.13 21.65 3.49
CA THR B 54 -21.16 21.66 3.52
C THR B 54 -22.50 21.42 2.84
N SER B 55 -22.76 20.19 2.40
CA SER B 55 -23.96 19.87 1.56
C SER B 55 -25.23 19.73 2.43
N GLY B 56 -25.07 19.47 3.72
CA GLY B 56 -26.20 19.35 4.66
C GLY B 56 -26.99 18.06 4.49
N VAL B 57 -26.36 17.08 3.84
CA VAL B 57 -26.84 15.70 3.62
C VAL B 57 -25.79 14.74 4.16
N GLY B 58 -26.25 13.78 4.94
CA GLY B 58 -25.32 12.76 5.49
C GLY B 58 -26.03 11.93 6.52
N PRO B 59 -25.27 11.33 7.45
CA PRO B 59 -25.85 10.42 8.44
C PRO B 59 -26.41 11.15 9.65
N ASP B 60 -26.96 10.43 10.61
CA ASP B 60 -27.28 11.04 11.92
C ASP B 60 -25.99 11.17 12.69
N LEU B 61 -25.22 10.11 12.84
CA LEU B 61 -23.98 10.13 13.64
C LEU B 61 -22.78 9.88 12.75
N THR B 62 -21.68 10.57 13.00
CA THR B 62 -20.40 10.15 12.38
C THR B 62 -19.35 9.95 13.47
N GLN B 63 -18.50 8.96 13.30
CA GLN B 63 -17.19 8.94 13.96
C GLN B 63 -16.38 10.13 13.47
N LEU B 64 -15.66 10.75 14.40
CA LEU B 64 -14.78 11.89 14.10
C LEU B 64 -13.45 11.60 14.79
N GLY B 65 -12.34 11.58 14.06
CA GLY B 65 -11.02 11.56 14.72
C GLY B 65 -10.97 12.64 15.78
N THR B 66 -10.37 12.39 16.93
CA THR B 66 -10.35 13.44 18.01
C THR B 66 -9.78 14.74 17.44
N THR B 67 -8.81 14.67 16.56
CA THR B 67 -8.08 15.89 16.10
C THR B 67 -8.93 16.71 15.13
N TRP B 68 -10.06 16.15 14.68
CA TRP B 68 -10.97 16.78 13.68
C TRP B 68 -12.16 17.43 14.38
N VAL B 69 -12.36 17.19 15.69
CA VAL B 69 -13.59 17.69 16.38
C VAL B 69 -13.67 19.21 16.22
N GLY B 70 -12.55 19.91 16.43
CA GLY B 70 -12.56 21.39 16.34
C GLY B 70 -12.98 21.86 14.97
N ALA B 71 -12.39 21.29 13.94
CA ALA B 71 -12.58 21.70 12.53
C ALA B 71 -14.04 21.55 12.13
N ILE B 72 -14.64 20.40 12.49
CA ILE B 72 -16.01 20.14 12.01
C ILE B 72 -16.96 20.99 12.86
N SER B 73 -16.62 21.14 14.15
CA SER B 73 -17.44 21.89 15.12
C SER B 73 -17.52 23.35 14.66
N ALA B 74 -16.40 23.92 14.27
CA ALA B 74 -16.32 25.33 13.84
C ALA B 74 -17.19 25.56 12.59
N MET B 75 -17.53 24.53 11.82
CA MET B 75 -18.41 24.75 10.64
C MET B 75 -19.85 25.02 11.10
N GLY B 76 -20.15 24.87 12.40
CA GLY B 76 -21.51 25.08 12.96
C GLY B 76 -22.50 24.02 12.49
N VAL B 77 -22.06 22.79 12.21
CA VAL B 77 -22.95 21.72 11.68
C VAL B 77 -23.24 20.65 12.75
N LEU B 78 -22.66 20.75 13.95
CA LEU B 78 -22.82 19.68 14.96
C LEU B 78 -23.84 20.09 16.03
N GLU B 79 -24.72 19.17 16.40
CA GLU B 79 -25.63 19.30 17.56
C GLU B 79 -24.83 19.33 18.87
N PRO B 80 -25.15 20.27 19.78
CA PRO B 80 -24.60 20.29 21.13
C PRO B 80 -24.90 18.97 21.87
N VAL B 81 -23.93 18.44 22.59
CA VAL B 81 -24.19 17.16 23.29
C VAL B 81 -23.81 17.28 24.76
N ASP B 82 -23.88 18.49 25.35
CA ASP B 82 -23.59 18.65 26.80
C ASP B 82 -24.48 17.70 27.62
N ASP B 83 -25.73 17.51 27.20
CA ASP B 83 -26.75 16.63 27.84
C ASP B 83 -26.23 15.18 27.87
N VAL B 84 -25.70 14.68 26.76
CA VAL B 84 -25.21 13.28 26.69
C VAL B 84 -24.04 13.15 27.66
N LEU B 85 -23.06 14.06 27.57
CA LEU B 85 -21.87 14.04 28.45
C LEU B 85 -22.24 14.12 29.94
N GLU B 86 -23.26 14.92 30.29
CA GLU B 86 -23.72 15.01 31.70
C GLU B 86 -24.31 13.66 32.10
N ALA B 87 -25.14 13.02 31.25
CA ALA B 87 -25.70 11.70 31.59
C ALA B 87 -24.59 10.64 31.68
N LEU B 88 -23.41 10.86 31.08
CA LEU B 88 -22.32 9.84 31.14
C LEU B 88 -21.37 10.10 32.33
N GLY B 89 -21.64 11.12 33.16
CA GLY B 89 -20.82 11.43 34.37
C GLY B 89 -20.07 12.76 34.25
N GLY B 90 -20.13 13.45 33.11
CA GLY B 90 -19.51 14.78 33.00
C GLY B 90 -17.99 14.72 32.98
N GLU B 91 -17.35 15.88 33.13
CA GLU B 91 -15.88 16.03 32.97
C GLU B 91 -15.12 15.01 33.82
N LYS B 92 -15.55 14.73 35.03
CA LYS B 92 -14.67 13.93 35.90
C LYS B 92 -14.67 12.47 35.46
N ALA B 93 -15.58 12.05 34.56
CA ALA B 93 -15.65 10.63 34.06
C ALA B 93 -14.63 10.39 32.93
N TYR B 94 -13.80 11.37 32.57
CA TYR B 94 -12.84 11.25 31.42
C TYR B 94 -11.44 11.70 31.82
N LEU B 95 -10.41 11.04 31.35
CA LEU B 95 -9.03 11.63 31.31
C LEU B 95 -9.12 13.04 30.72
N PRO B 96 -8.40 14.05 31.26
CA PRO B 96 -8.46 15.38 30.65
C PRO B 96 -8.01 15.33 29.18
N ALA B 97 -7.10 14.44 28.83
CA ALA B 97 -6.66 14.25 27.42
C ALA B 97 -7.86 13.91 26.51
N VAL B 98 -8.87 13.20 27.04
CA VAL B 98 -10.08 12.79 26.27
C VAL B 98 -11.02 13.98 26.27
N TRP B 99 -11.18 14.61 27.44
CA TRP B 99 -12.18 15.68 27.60
C TRP B 99 -11.89 16.88 26.70
N ARG B 100 -10.63 17.20 26.51
CA ARG B 100 -10.08 18.25 25.60
C ARG B 100 -10.74 18.20 24.20
N THR B 101 -11.05 16.99 23.69
CA THR B 101 -11.55 16.81 22.30
C THR B 101 -13.07 16.67 22.25
N THR B 102 -13.79 17.04 23.31
CA THR B 102 -15.28 17.09 23.29
C THR B 102 -15.84 18.35 22.63
N ARG B 103 -14.99 19.32 22.33
CA ARG B 103 -15.45 20.66 21.90
C ARG B 103 -14.30 21.35 21.17
N LEU B 104 -14.67 22.32 20.36
CA LEU B 104 -13.74 23.30 19.76
C LEU B 104 -13.12 24.11 20.91
N GLU B 105 -11.82 24.28 20.89
CA GLU B 105 -11.03 25.10 21.83
C GLU B 105 -11.77 26.41 22.11
N GLY B 106 -12.11 26.69 23.36
CA GLY B 106 -12.78 27.92 23.79
C GLY B 106 -14.28 27.94 23.51
N ALA B 107 -14.93 26.88 22.99
CA ALA B 107 -16.40 26.86 22.77
C ALA B 107 -17.14 26.55 24.07
N ARG B 108 -18.36 27.04 24.18
CA ARG B 108 -19.17 26.97 25.43
C ARG B 108 -19.78 25.58 25.49
N GLN B 109 -20.10 24.97 24.36
CA GLN B 109 -20.88 23.72 24.32
C GLN B 109 -20.03 22.59 23.70
N ALA B 110 -20.22 21.38 24.23
CA ALA B 110 -19.60 20.14 23.70
C ALA B 110 -20.32 19.79 22.40
N THR B 111 -19.54 19.33 21.41
CA THR B 111 -20.04 18.87 20.07
C THR B 111 -19.65 17.43 19.76
N ALA B 112 -18.92 16.73 20.63
CA ALA B 112 -18.64 15.31 20.39
C ALA B 112 -18.56 14.51 21.69
N VAL B 113 -18.95 13.23 21.56
CA VAL B 113 -19.04 12.26 22.66
C VAL B 113 -17.84 11.33 22.54
N PRO B 114 -17.03 11.18 23.60
CA PRO B 114 -15.86 10.31 23.49
C PRO B 114 -16.28 8.88 23.21
N TRP B 115 -15.62 8.25 22.24
CA TRP B 115 -15.95 6.86 21.84
C TRP B 115 -14.88 5.87 22.26
N PHE B 116 -13.68 5.97 21.71
CA PHE B 116 -12.51 5.20 22.15
C PHE B 116 -11.28 6.13 22.12
N SER B 117 -10.26 5.71 22.85
CA SER B 117 -8.93 6.35 22.92
CA SER B 117 -8.94 6.37 22.90
C SER B 117 -7.88 5.40 22.34
N GLU B 118 -6.77 5.97 21.90
CA GLU B 118 -5.56 5.25 21.47
C GLU B 118 -4.38 6.21 21.65
N LEU B 119 -3.22 5.65 21.89
CA LEU B 119 -1.96 6.42 22.01
C LEU B 119 -0.87 5.54 21.44
N ARG B 120 0.28 6.11 21.16
CA ARG B 120 1.33 5.43 20.36
C ARG B 120 2.42 5.00 21.31
N ALA B 121 2.96 3.83 20.98
CA ALA B 121 4.19 3.33 21.61
C ALA B 121 4.89 2.45 20.58
N PHE B 122 6.05 1.94 20.93
CA PHE B 122 6.85 1.10 20.00
C PHE B 122 6.60 -0.36 20.27
N TYR B 123 6.02 -1.02 19.29
CA TYR B 123 6.08 -2.49 19.25
C TYR B 123 7.48 -2.92 18.84
N TYR B 124 7.88 -4.07 19.34
CA TYR B 124 9.23 -4.60 19.08
C TYR B 124 9.20 -6.10 19.10
N ARG B 125 10.07 -6.67 18.28
CA ARG B 125 10.26 -8.13 18.20
C ARG B 125 11.16 -8.58 19.34
N THR B 126 10.63 -9.32 20.34
CA THR B 126 11.41 -9.66 21.55
C THR B 126 12.59 -10.53 21.13
N ASP B 127 12.36 -11.41 20.17
CA ASP B 127 13.39 -12.34 19.67
C ASP B 127 14.48 -11.51 18.97
N ALA B 128 14.15 -10.51 18.14
CA ALA B 128 15.17 -9.74 17.38
C ALA B 128 16.04 -8.90 18.35
N LEU B 129 15.44 -8.27 19.34
CA LEU B 129 16.19 -7.44 20.32
C LEU B 129 17.13 -8.36 21.12
N LYS B 130 16.64 -9.53 21.50
CA LYS B 130 17.50 -10.51 22.22
C LYS B 130 18.68 -10.90 21.35
N ALA B 131 18.43 -11.27 20.08
CA ALA B 131 19.53 -11.72 19.19
C ALA B 131 20.52 -10.57 18.96
N ALA B 132 20.07 -9.30 18.97
CA ALA B 132 20.96 -8.14 18.68
C ALA B 132 21.70 -7.73 19.96
N GLY B 133 21.35 -8.28 21.10
CA GLY B 133 21.98 -7.92 22.38
C GLY B 133 21.39 -6.60 22.91
N VAL B 134 20.17 -6.27 22.53
CA VAL B 134 19.53 -4.97 22.91
C VAL B 134 18.57 -5.18 24.08
N ASN B 135 18.84 -4.49 25.19
CA ASN B 135 17.97 -4.46 26.40
C ASN B 135 16.87 -3.45 26.11
N PRO B 136 15.60 -3.85 25.92
CA PRO B 136 14.55 -2.90 25.62
C PRO B 136 14.44 -1.79 26.66
N ALA B 137 14.77 -2.02 27.94
CA ALA B 137 14.62 -1.01 28.99
C ALA B 137 15.64 0.12 28.69
N GLU B 138 16.77 -0.17 28.02
CA GLU B 138 17.76 0.86 27.62
C GLU B 138 17.35 1.48 26.30
N MET B 139 16.93 0.67 25.34
CA MET B 139 16.67 1.19 23.99
C MET B 139 15.53 2.22 24.08
N PHE B 140 14.56 2.03 24.96
CA PHE B 140 13.35 2.87 24.96
C PHE B 140 13.36 3.89 26.13
N ALA B 141 14.50 4.11 26.75
CA ALA B 141 14.58 5.08 27.87
C ALA B 141 14.93 6.46 27.34
N SER B 142 15.78 6.56 26.33
CA SER B 142 16.30 7.87 25.89
C SER B 142 16.50 7.83 24.39
N TRP B 143 16.60 8.99 23.77
CA TRP B 143 16.86 9.10 22.33
C TRP B 143 18.19 8.41 22.00
N GLN B 144 19.21 8.60 22.82
CA GLN B 144 20.54 8.02 22.53
C GLN B 144 20.46 6.49 22.70
N GLY B 145 19.75 5.99 23.71
CA GLY B 145 19.46 4.54 23.84
C GLY B 145 18.75 4.02 22.61
N PHE B 146 17.81 4.78 22.10
CA PHE B 146 16.98 4.42 20.93
C PHE B 146 17.86 4.21 19.69
N GLU B 147 18.69 5.19 19.39
CA GLU B 147 19.64 5.15 18.26
C GLU B 147 20.69 4.02 18.47
N ALA B 148 21.19 3.81 19.68
CA ALA B 148 22.20 2.76 19.96
C ALA B 148 21.53 1.39 19.76
N GLY B 149 20.27 1.26 20.15
CA GLY B 149 19.50 0.03 19.89
C GLY B 149 19.36 -0.23 18.38
N LEU B 150 18.97 0.78 17.62
CA LEU B 150 18.82 0.60 16.17
C LEU B 150 20.15 0.22 15.52
N ALA B 151 21.26 0.77 15.99
CA ALA B 151 22.62 0.45 15.48
C ALA B 151 22.90 -1.04 15.70
N ARG B 152 22.62 -1.59 16.88
CA ARG B 152 22.86 -3.04 17.16
C ARG B 152 21.90 -3.88 16.32
N LEU B 153 20.67 -3.44 16.15
CA LEU B 153 19.67 -4.16 15.30
C LEU B 153 20.13 -4.17 13.84
N LYS B 154 20.73 -3.10 13.35
CA LYS B 154 21.28 -3.07 11.96
C LYS B 154 22.43 -4.06 11.82
N ALA B 155 23.30 -4.14 12.83
CA ALA B 155 24.53 -4.95 12.73
C ALA B 155 24.16 -6.41 12.93
N SER B 156 23.00 -6.69 13.53
CA SER B 156 22.62 -8.07 13.89
C SER B 156 22.61 -9.01 12.66
N SER B 157 23.05 -10.25 12.87
CA SER B 157 23.02 -11.34 11.87
C SER B 157 21.67 -12.10 11.97
N PHE B 158 20.77 -11.72 12.89
CA PHE B 158 19.46 -12.38 13.08
C PHE B 158 18.62 -12.30 11.78
N ARG B 159 17.93 -13.39 11.51
CA ARG B 159 17.04 -13.54 10.33
C ARG B 159 15.71 -14.09 10.80
N ASP B 160 14.62 -13.54 10.30
CA ASP B 160 13.25 -13.94 10.73
C ASP B 160 13.09 -15.40 10.43
N PRO B 161 12.52 -16.25 11.32
CA PRO B 161 12.43 -17.69 11.03
C PRO B 161 11.41 -18.01 9.95
N GLU B 162 10.53 -17.06 9.57
CA GLU B 162 9.61 -17.29 8.41
C GLU B 162 10.21 -16.71 7.12
N THR B 163 10.66 -15.47 7.11
CA THR B 163 11.23 -14.85 5.89
C THR B 163 12.59 -15.43 5.53
N LYS B 164 13.33 -15.92 6.53
CA LYS B 164 14.74 -16.35 6.38
CA LYS B 164 14.74 -16.34 6.42
C LYS B 164 15.60 -15.14 5.96
N ALA B 165 15.14 -13.93 6.21
CA ALA B 165 15.82 -12.69 5.79
C ALA B 165 16.01 -11.77 6.97
N PRO B 166 16.95 -10.81 6.88
CA PRO B 166 17.15 -9.86 7.98
C PRO B 166 15.90 -9.01 8.21
N LEU B 167 15.79 -8.37 9.37
CA LEU B 167 14.74 -7.40 9.70
C LEU B 167 15.37 -6.02 9.66
N ALA B 168 14.64 -5.05 9.12
CA ALA B 168 15.00 -3.62 9.21
C ALA B 168 14.82 -3.22 10.68
N PRO B 169 15.74 -2.40 11.23
CA PRO B 169 15.68 -1.96 12.61
C PRO B 169 14.34 -1.28 12.89
N LEU B 170 13.98 -0.32 12.02
CA LEU B 170 12.76 0.49 12.22
C LEU B 170 12.04 0.69 10.90
N CYS B 171 10.73 0.52 10.91
CA CYS B 171 9.88 0.98 9.81
C CYS B 171 9.01 2.14 10.28
N THR B 172 8.88 3.16 9.45
CA THR B 172 7.95 4.27 9.67
C THR B 172 7.48 4.74 8.30
N PRO B 173 6.20 5.11 8.15
CA PRO B 173 5.69 5.51 6.84
C PRO B 173 6.16 6.90 6.37
N GLY B 174 6.72 6.98 5.16
CA GLY B 174 7.08 8.23 4.47
C GLY B 174 5.93 8.85 3.67
N ARG B 175 4.95 8.04 3.24
CA ARG B 175 3.71 8.50 2.54
C ARG B 175 2.80 9.23 3.53
N THR B 176 2.18 10.31 3.05
CA THR B 176 1.69 11.49 3.83
C THR B 176 0.58 11.14 4.82
N PRO B 177 -0.63 10.71 4.39
CA PRO B 177 -1.86 11.12 5.09
C PRO B 177 -1.96 10.58 6.53
N ARG B 178 -2.06 11.52 7.49
CA ARG B 178 -2.40 11.32 8.94
C ARG B 178 -1.22 10.66 9.68
N THR B 179 -0.01 11.05 9.28
CA THR B 179 1.28 10.57 9.83
C THR B 179 1.96 11.74 10.58
N LEU B 180 1.25 12.87 10.80
CA LEU B 180 1.87 13.84 11.74
C LEU B 180 2.06 13.15 13.11
N HIS B 181 1.20 12.18 13.43
CA HIS B 181 1.21 11.43 14.71
C HIS B 181 2.57 10.74 14.90
N ASN B 182 3.21 10.30 13.83
CA ASN B 182 4.54 9.62 13.88
C ASN B 182 5.60 10.64 14.24
N ALA B 183 5.46 11.89 13.81
CA ALA B 183 6.52 12.92 13.98
C ALA B 183 6.32 13.69 15.30
N ALA B 184 5.07 13.80 15.79
CA ALA B 184 4.73 14.69 16.94
C ALA B 184 5.56 14.37 18.17
N PRO B 185 5.71 13.12 18.60
CA PRO B 185 6.41 12.85 19.85
C PRO B 185 7.86 13.34 19.75
N TRP B 186 8.48 13.36 18.55
CA TRP B 186 9.91 13.79 18.40
C TRP B 186 9.94 15.32 18.56
N ILE B 187 9.07 16.04 17.87
CA ILE B 187 8.87 17.50 18.07
C ILE B 187 8.67 17.78 19.56
N TRP B 188 7.77 17.06 20.22
CA TRP B 188 7.39 17.36 21.62
C TRP B 188 8.56 17.09 22.57
N GLY B 189 9.25 15.96 22.39
CA GLY B 189 10.29 15.51 23.32
C GLY B 189 11.47 16.45 23.26
N ALA B 190 11.67 17.16 22.15
CA ALA B 190 12.72 18.19 21.98
C ALA B 190 12.33 19.50 22.66
N GLY B 191 11.10 19.61 23.19
CA GLY B 191 10.55 20.87 23.74
C GLY B 191 9.84 21.70 22.67
N GLY B 192 9.53 21.10 21.53
CA GLY B 192 8.87 21.75 20.39
C GLY B 192 7.36 21.59 20.52
N GLU B 193 6.67 22.17 19.54
CA GLU B 193 5.20 22.12 19.37
C GLU B 193 4.94 22.32 17.90
N ILE B 194 3.75 21.92 17.46
CA ILE B 194 3.28 22.13 16.06
C ILE B 194 2.77 23.57 15.93
N VAL B 195 2.01 24.04 16.92
CA VAL B 195 1.43 25.41 16.93
C VAL B 195 1.63 25.96 18.33
N ARG B 196 1.65 27.29 18.40
CA ARG B 196 1.87 28.08 19.63
C ARG B 196 0.76 29.11 19.66
N GLN B 197 0.16 29.38 20.80
CA GLN B 197 -0.66 30.61 20.92
C GLN B 197 0.16 31.76 21.53
N ALA B 198 0.15 32.95 20.91
CA ALA B 198 0.82 34.18 21.40
C ALA B 198 -0.12 35.35 21.10
N GLY B 199 -0.40 36.19 22.08
CA GLY B 199 -1.38 37.27 21.93
C GLY B 199 -2.71 36.77 21.37
N GLY B 200 -3.19 35.62 21.83
CA GLY B 200 -4.50 35.06 21.46
C GLY B 200 -4.60 34.68 19.99
N ARG B 201 -3.48 34.58 19.25
CA ARG B 201 -3.37 34.07 17.85
C ARG B 201 -2.51 32.80 17.83
N TRP B 202 -2.97 31.77 17.12
CA TRP B 202 -2.21 30.54 16.86
C TRP B 202 -1.26 30.76 15.68
N GLN B 203 -0.04 30.25 15.79
CA GLN B 203 0.95 30.23 14.69
C GLN B 203 1.69 28.88 14.71
N SER B 204 2.33 28.53 13.60
CA SER B 204 3.23 27.35 13.48
C SER B 204 4.43 27.54 14.39
N ALA B 205 4.89 26.49 15.08
CA ALA B 205 6.21 26.48 15.75
C ALA B 205 7.03 25.29 15.21
N LEU B 206 6.65 24.79 14.04
CA LEU B 206 7.38 23.66 13.40
C LEU B 206 8.80 24.05 13.09
N ASN B 207 9.05 25.35 12.94
CA ASN B 207 10.38 25.90 12.53
C ASN B 207 11.13 26.50 13.72
N SER B 208 10.73 26.20 14.95
CA SER B 208 11.48 26.55 16.18
C SER B 208 12.76 25.72 16.26
N PRO B 209 13.85 26.25 16.89
CA PRO B 209 15.02 25.41 17.19
C PRO B 209 14.60 24.02 17.73
N GLU B 210 13.68 23.97 18.70
CA GLU B 210 13.35 22.70 19.41
C GLU B 210 12.65 21.71 18.46
N SER B 211 11.68 22.19 17.67
CA SER B 211 10.92 21.33 16.75
C SER B 211 11.86 20.78 15.67
N LEU B 212 12.74 21.63 15.17
CA LEU B 212 13.68 21.20 14.11
C LEU B 212 14.64 20.18 14.70
N GLU B 213 15.04 20.33 15.97
CA GLU B 213 15.95 19.36 16.67
C GLU B 213 15.24 17.99 16.73
N GLY B 214 14.01 17.93 17.21
CA GLY B 214 13.27 16.66 17.23
C GLY B 214 13.13 16.05 15.85
N LEU B 215 12.65 16.83 14.88
CA LEU B 215 12.43 16.31 13.51
C LEU B 215 13.73 15.85 12.86
N TYR B 216 14.83 16.56 13.04
CA TYR B 216 16.10 16.16 12.40
C TYR B 216 16.53 14.83 13.04
N PHE B 217 16.39 14.70 14.36
CA PHE B 217 16.79 13.47 15.06
C PHE B 217 16.00 12.30 14.46
N PHE B 218 14.70 12.49 14.24
CA PHE B 218 13.78 11.44 13.73
C PHE B 218 14.10 11.09 12.27
N LEU B 219 14.12 12.08 11.40
CA LEU B 219 14.31 11.88 9.94
C LEU B 219 15.72 11.34 9.69
N SER B 220 16.71 11.67 10.52
CA SER B 220 18.11 11.25 10.23
C SER B 220 18.30 9.76 10.56
N LEU B 221 17.45 9.21 11.42
CA LEU B 221 17.47 7.74 11.68
C LEU B 221 17.41 7.06 10.33
N ALA B 222 16.52 7.51 9.47
CA ALA B 222 16.34 6.91 8.13
C ALA B 222 17.56 7.23 7.22
N GLN B 223 18.18 8.39 7.35
CA GLN B 223 19.38 8.73 6.55
C GLN B 223 20.58 7.91 7.04
N LYS B 224 20.55 7.46 8.30
CA LYS B 224 21.65 6.65 8.88
C LYS B 224 21.52 5.16 8.52
N GLY B 225 20.53 4.74 7.75
CA GLY B 225 20.40 3.34 7.34
C GLY B 225 19.43 2.54 8.22
N TYR B 226 18.79 3.11 9.24
CA TYR B 226 18.02 2.29 10.21
C TYR B 226 16.60 2.00 9.70
N VAL B 227 16.15 2.73 8.70
CA VAL B 227 14.82 2.55 8.06
C VAL B 227 15.09 2.22 6.61
N PRO B 228 14.52 1.14 6.03
CA PRO B 228 14.72 0.87 4.62
C PRO B 228 14.09 1.94 3.70
N ALA B 229 14.72 2.21 2.54
CA ALA B 229 14.16 3.12 1.51
C ALA B 229 12.73 2.71 1.14
N GLU B 230 12.45 1.41 1.04
CA GLU B 230 11.09 0.87 0.72
C GLU B 230 10.01 1.47 1.65
N SER B 231 10.36 1.70 2.91
CA SER B 231 9.40 2.08 3.96
C SER B 231 8.89 3.52 3.67
N LEU B 232 9.66 4.35 2.98
CA LEU B 232 9.27 5.77 2.75
C LEU B 232 8.18 5.87 1.67
N GLU B 233 7.95 4.81 0.92
CA GLU B 233 6.92 4.78 -0.17
C GLU B 233 5.61 4.18 0.36
N LYS B 234 5.53 3.96 1.67
CA LYS B 234 4.46 3.12 2.27
C LYS B 234 3.62 3.94 3.24
N ASN B 235 2.33 3.62 3.26
CA ASN B 235 1.41 4.20 4.25
C ASN B 235 1.42 3.36 5.51
N THR B 236 0.62 3.80 6.48
CA THR B 236 0.47 3.18 7.80
C THR B 236 0.05 1.71 7.64
N ALA B 237 -0.97 1.43 6.85
CA ALA B 237 -1.45 0.04 6.69
C ALA B 237 -0.31 -0.82 6.09
N GLN B 238 0.52 -0.33 5.13
CA GLN B 238 1.60 -1.16 4.52
C GLN B 238 2.72 -1.37 5.55
N ILE B 239 2.96 -0.41 6.44
CA ILE B 239 4.02 -0.57 7.49
C ILE B 239 3.51 -1.62 8.49
N GLU B 240 2.25 -1.60 8.86
CA GLU B 240 1.66 -2.66 9.72
C GLU B 240 1.90 -4.02 9.06
N ALA B 241 1.68 -4.14 7.76
CA ALA B 241 1.80 -5.41 7.04
C ALA B 241 3.25 -5.87 7.10
N ASP B 242 4.19 -4.96 6.92
CA ASP B 242 5.65 -5.30 6.94
C ASP B 242 6.06 -5.77 8.36
N PHE B 243 5.59 -5.11 9.42
CA PHE B 243 5.85 -5.62 10.79
C PHE B 243 5.26 -7.04 11.00
N GLN B 244 4.01 -7.26 10.58
CA GLN B 244 3.26 -8.53 10.70
C GLN B 244 4.00 -9.61 9.92
N ALA B 245 4.59 -9.26 8.78
CA ALA B 245 5.23 -10.23 7.89
C ALA B 245 6.70 -10.47 8.31
N GLY B 246 7.22 -9.88 9.41
CA GLY B 246 8.59 -10.14 9.87
C GLY B 246 9.68 -9.34 9.16
N LYS B 247 9.33 -8.16 8.64
CA LYS B 247 10.27 -7.34 7.87
C LYS B 247 10.90 -6.28 8.75
N CYS B 248 10.41 -6.05 9.96
CA CYS B 248 11.14 -5.11 10.81
C CYS B 248 10.96 -5.36 12.28
N ALA B 249 11.98 -4.95 13.04
CA ALA B 249 12.18 -5.25 14.46
C ALA B 249 11.30 -4.35 15.29
N VAL B 250 11.12 -3.09 14.84
CA VAL B 250 10.49 -2.03 15.66
C VAL B 250 9.60 -1.15 14.78
N PHE B 251 8.44 -0.79 15.31
CA PHE B 251 7.58 0.25 14.73
C PHE B 251 6.62 0.85 15.75
N ALA B 252 6.19 2.07 15.47
CA ALA B 252 5.25 2.80 16.35
C ALA B 252 3.80 2.57 15.91
N SER B 253 2.94 2.16 16.82
CA SER B 253 1.51 1.98 16.49
C SER B 253 0.72 2.14 17.79
N GLY B 254 -0.57 1.95 17.70
CA GLY B 254 -1.50 2.05 18.83
C GLY B 254 -1.81 0.63 19.31
N PRO B 255 -2.68 0.56 20.31
CA PRO B 255 -2.96 -0.69 21.03
C PRO B 255 -3.70 -1.74 20.23
N TRP B 256 -4.25 -1.33 19.07
CA TRP B 256 -5.08 -2.23 18.26
C TRP B 256 -4.21 -3.39 17.80
N MET B 257 -2.91 -3.21 17.62
CA MET B 257 -2.04 -4.31 17.11
C MET B 257 -2.01 -5.49 18.10
N ILE B 258 -2.19 -5.30 19.42
CA ILE B 258 -2.31 -6.42 20.40
C ILE B 258 -3.49 -7.30 20.00
N GLN B 259 -4.63 -6.68 19.69
CA GLN B 259 -5.86 -7.45 19.32
C GLN B 259 -5.61 -8.17 18.00
N ARG B 260 -5.01 -7.48 17.04
CA ARG B 260 -4.74 -8.02 15.70
C ARG B 260 -3.85 -9.24 15.84
N ALA B 261 -2.91 -9.26 16.81
CA ALA B 261 -2.00 -10.40 17.05
C ALA B 261 -2.78 -11.65 17.45
N GLN B 262 -4.02 -11.49 17.89
CA GLN B 262 -4.84 -12.62 18.34
C GLN B 262 -5.80 -13.02 17.23
N VAL B 263 -5.77 -12.42 16.06
CA VAL B 263 -6.78 -12.72 15.00
C VAL B 263 -6.09 -13.44 13.83
N PRO B 264 -6.67 -14.50 13.29
CA PRO B 264 -6.05 -15.20 12.17
C PRO B 264 -5.80 -14.23 11.00
N GLU B 265 -4.79 -14.55 10.20
CA GLU B 265 -4.53 -13.82 8.96
C GLU B 265 -5.78 -13.77 8.07
N ALA B 266 -6.53 -14.88 7.98
CA ALA B 266 -7.72 -14.97 7.12
C ALA B 266 -8.72 -13.90 7.52
N LYS B 267 -8.66 -13.40 8.76
CA LYS B 267 -9.65 -12.48 9.40
C LYS B 267 -9.03 -11.10 9.64
N GLY B 268 -7.89 -10.84 9.03
CA GLY B 268 -7.23 -9.53 8.96
C GLY B 268 -6.24 -9.32 10.09
N GLY B 269 -5.81 -10.40 10.74
CA GLY B 269 -4.90 -10.35 11.90
C GLY B 269 -3.55 -10.89 11.54
N PHE B 270 -2.74 -11.25 12.54
CA PHE B 270 -1.44 -11.91 12.21
C PHE B 270 -1.08 -12.93 13.28
N ALA B 271 -2.06 -13.66 13.79
CA ALA B 271 -1.85 -14.64 14.90
C ALA B 271 -0.84 -15.71 14.49
N GLU B 272 -0.85 -16.18 13.24
CA GLU B 272 0.09 -17.26 12.81
C GLU B 272 1.53 -16.73 12.67
N ARG B 273 1.78 -15.43 12.61
CA ARG B 273 3.12 -14.90 12.27
C ARG B 273 4.06 -14.93 13.48
N THR B 274 5.35 -15.10 13.21
CA THR B 274 6.42 -14.95 14.26
C THR B 274 6.20 -13.67 15.09
N ALA B 275 5.94 -12.53 14.47
CA ALA B 275 5.76 -11.28 15.27
C ALA B 275 4.71 -11.44 16.38
N ALA B 276 3.63 -12.20 16.14
CA ALA B 276 2.52 -12.28 17.12
C ALA B 276 3.00 -13.08 18.33
N LYS B 277 3.94 -14.01 18.11
CA LYS B 277 4.48 -14.96 19.11
C LYS B 277 5.65 -14.30 19.86
N ASN B 278 6.15 -13.17 19.40
CA ASN B 278 7.35 -12.53 19.98
C ASN B 278 7.11 -11.03 20.09
N LEU B 279 6.00 -10.63 20.69
CA LEU B 279 5.55 -9.22 20.62
C LEU B 279 5.77 -8.52 21.93
N GLY B 280 6.57 -7.44 21.87
CA GLY B 280 6.74 -6.50 23.00
C GLY B 280 6.27 -5.10 22.66
N VAL B 281 5.94 -4.32 23.66
CA VAL B 281 5.69 -2.86 23.46
CA VAL B 281 5.57 -2.87 23.56
C VAL B 281 6.45 -2.10 24.54
N ALA B 282 6.97 -0.95 24.15
CA ALA B 282 7.66 -0.02 25.07
C ALA B 282 7.18 1.38 24.75
N PRO B 283 6.96 2.22 25.78
CA PRO B 283 6.62 3.61 25.57
C PRO B 283 7.76 4.31 24.83
N TYR B 284 7.41 5.39 24.15
CA TYR B 284 8.36 6.41 23.64
C TYR B 284 9.36 6.76 24.74
N PRO B 285 10.64 6.87 24.34
CA PRO B 285 11.71 7.31 25.23
C PRO B 285 11.51 8.75 25.67
N ALA B 286 12.08 9.17 26.80
CA ALA B 286 12.21 10.60 27.15
C ALA B 286 13.09 11.25 26.08
N GLY B 287 12.72 12.45 25.65
CA GLY B 287 13.54 13.29 24.77
C GLY B 287 14.25 14.33 25.62
N PRO B 288 15.08 15.20 25.02
CA PRO B 288 15.89 16.13 25.82
C PRO B 288 15.07 17.03 26.74
N LYS B 289 13.85 17.44 26.37
CA LYS B 289 13.08 18.39 27.21
C LYS B 289 11.91 17.73 27.93
N GLY B 290 11.48 16.55 27.53
CA GLY B 290 10.42 15.86 28.27
C GLY B 290 10.04 14.59 27.54
N ARG B 291 8.99 13.95 28.03
CA ARG B 291 8.56 12.60 27.60
C ARG B 291 7.09 12.70 27.19
N TYR B 292 6.80 12.35 25.93
CA TYR B 292 5.48 12.60 25.32
C TYR B 292 5.19 11.50 24.34
N THR B 293 3.90 11.18 24.19
CA THR B 293 3.44 10.41 23.02
C THR B 293 2.15 11.03 22.48
N PHE B 294 1.79 10.67 21.24
CA PHE B 294 0.50 11.09 20.67
C PHE B 294 -0.62 10.34 21.39
N PHE B 295 -1.57 11.10 21.93
CA PHE B 295 -2.85 10.60 22.47
C PHE B 295 -4.02 11.06 21.57
N GLY B 296 -4.74 10.09 21.02
CA GLY B 296 -5.87 10.34 20.12
C GLY B 296 -7.02 9.38 20.38
N GLY B 297 -7.67 8.96 19.30
CA GLY B 297 -8.90 8.18 19.41
C GLY B 297 -9.94 8.82 18.55
N SER B 298 -11.17 8.42 18.76
CA SER B 298 -12.29 8.92 17.94
C SER B 298 -13.44 9.23 18.88
N ASN B 299 -14.24 10.19 18.47
CA ASN B 299 -15.46 10.59 19.19
C ASN B 299 -16.61 10.37 18.22
N LEU B 300 -17.81 10.60 18.70
CA LEU B 300 -19.03 10.51 17.88
C LEU B 300 -19.72 11.87 17.92
N ALA B 301 -20.28 12.26 16.79
CA ALA B 301 -20.99 13.54 16.66
C ALA B 301 -22.27 13.31 15.90
N LEU B 302 -23.19 14.20 16.16
CA LEU B 302 -24.54 14.23 15.60
C LEU B 302 -24.66 15.47 14.71
N PHE B 303 -24.94 15.27 13.44
CA PHE B 303 -25.20 16.39 12.53
C PHE B 303 -26.49 17.08 12.94
N ASN B 304 -26.47 18.41 12.95
CA ASN B 304 -27.63 19.22 13.45
C ASN B 304 -28.78 19.16 12.42
N PHE B 305 -28.56 18.54 11.25
CA PHE B 305 -29.64 18.32 10.25
C PHE B 305 -30.34 16.97 10.46
N SER B 306 -29.91 16.13 11.41
CA SER B 306 -30.58 14.85 11.75
C SER B 306 -32.08 15.13 11.99
N LYS B 307 -32.93 14.24 11.49
CA LYS B 307 -34.38 14.18 11.77
C LYS B 307 -34.67 13.27 12.98
N ASN B 308 -33.65 12.67 13.63
CA ASN B 308 -33.91 11.78 14.78
C ASN B 308 -33.00 12.19 15.96
N LYS B 309 -33.00 13.46 16.39
CA LYS B 309 -31.98 13.89 17.37
C LYS B 309 -32.16 13.13 18.70
N PRO B 310 -33.37 13.06 19.32
CA PRO B 310 -33.49 12.27 20.55
C PRO B 310 -33.00 10.82 20.44
N LEU B 311 -33.45 10.05 19.46
CA LEU B 311 -32.99 8.66 19.30
C LEU B 311 -31.46 8.60 19.10
N ALA B 312 -30.86 9.55 18.37
CA ALA B 312 -29.42 9.56 18.09
C ALA B 312 -28.72 9.86 19.40
N LYS B 313 -29.24 10.75 20.22
CA LYS B 313 -28.61 11.02 21.53
C LYS B 313 -28.68 9.77 22.40
N GLU B 314 -29.78 9.01 22.30
CA GLU B 314 -29.94 7.72 23.01
C GLU B 314 -28.82 6.79 22.55
N LEU B 315 -28.55 6.71 21.23
CA LEU B 315 -27.46 5.84 20.73
C LEU B 315 -26.12 6.42 21.23
N LEU B 316 -25.96 7.75 21.28
CA LEU B 316 -24.68 8.32 21.78
C LEU B 316 -24.47 7.91 23.23
N LYS B 317 -25.51 7.97 24.04
CA LYS B 317 -25.41 7.65 25.47
C LYS B 317 -25.09 6.15 25.62
N TYR B 318 -25.69 5.29 24.81
CA TYR B 318 -25.43 3.81 24.80
C TYR B 318 -23.97 3.59 24.40
N LEU B 319 -23.51 4.22 23.32
CA LEU B 319 -22.15 3.91 22.80
C LEU B 319 -21.09 4.49 23.73
N GLY B 320 -21.43 5.58 24.43
CA GLY B 320 -20.53 6.30 25.36
C GLY B 320 -20.45 5.62 26.73
N GLY B 321 -21.42 4.73 27.05
CA GLY B 321 -21.63 4.20 28.41
C GLY B 321 -20.82 2.94 28.69
N PRO B 322 -20.75 2.55 29.98
CA PRO B 322 -19.81 1.54 30.46
C PRO B 322 -19.76 0.24 29.63
N GLU B 323 -20.92 -0.39 29.44
CA GLU B 323 -20.97 -1.72 28.81
C GLU B 323 -20.47 -1.62 27.36
N ALA B 324 -21.00 -0.70 26.51
CA ALA B 324 -20.59 -0.62 25.10
C ALA B 324 -19.14 -0.11 24.96
N GLN B 325 -18.68 0.66 25.96
CA GLN B 325 -17.31 1.19 26.03
C GLN B 325 -16.34 0.01 26.17
N VAL B 326 -16.63 -0.93 27.05
CA VAL B 326 -15.81 -2.11 27.30
C VAL B 326 -15.90 -2.98 26.04
N ARG B 327 -17.12 -3.19 25.53
CA ARG B 327 -17.33 -4.13 24.40
C ARG B 327 -16.63 -3.63 23.14
N TYR B 328 -16.73 -2.35 22.81
CA TYR B 328 -16.10 -1.87 21.55
C TYR B 328 -14.57 -1.86 21.69
N ALA B 329 -14.02 -1.51 22.85
CA ALA B 329 -12.58 -1.57 23.08
C ALA B 329 -12.09 -3.00 22.90
N GLN B 330 -12.82 -3.99 23.43
CA GLN B 330 -12.50 -5.41 23.23
C GLN B 330 -12.49 -5.75 21.74
N MET B 331 -13.43 -5.20 20.96
CA MET B 331 -13.66 -5.61 19.57
C MET B 331 -12.53 -5.01 18.74
N THR B 332 -12.08 -3.81 19.13
CA THR B 332 -11.16 -3.01 18.30
C THR B 332 -9.72 -3.14 18.75
N GLY B 333 -9.44 -3.49 20.00
CA GLY B 333 -8.09 -3.33 20.57
C GLY B 333 -7.76 -1.86 20.87
N MET B 334 -8.76 -0.99 20.88
CA MET B 334 -8.56 0.39 21.35
C MET B 334 -8.71 0.40 22.88
N LEU B 335 -8.47 1.53 23.50
CA LEU B 335 -8.89 1.73 24.89
C LEU B 335 -10.24 2.41 24.91
N PRO B 336 -11.04 2.17 25.98
CA PRO B 336 -12.25 2.93 26.21
C PRO B 336 -11.91 4.40 26.22
N ALA B 337 -12.90 5.20 25.87
CA ALA B 337 -12.80 6.64 26.10
C ALA B 337 -13.18 6.91 27.55
N LEU B 338 -14.10 6.11 28.14
CA LEU B 338 -14.63 6.35 29.50
C LEU B 338 -13.64 5.84 30.55
N ARG B 339 -13.19 6.73 31.44
CA ARG B 339 -12.05 6.41 32.34
C ARG B 339 -12.37 5.15 33.16
N SER B 340 -13.58 5.04 33.69
CA SER B 340 -13.87 3.94 34.65
C SER B 340 -13.73 2.59 33.94
N ALA B 341 -14.00 2.54 32.63
CA ALA B 341 -13.96 1.30 31.81
C ALA B 341 -12.52 0.75 31.71
N TRP B 342 -11.51 1.57 31.99
CA TRP B 342 -10.10 1.12 31.94
C TRP B 342 -9.87 0.06 33.01
N SER B 343 -10.63 0.10 34.08
CA SER B 343 -10.48 -0.84 35.21
C SER B 343 -11.11 -2.20 34.91
N ASP B 344 -11.79 -2.40 33.75
CA ASP B 344 -12.37 -3.74 33.45
C ASP B 344 -11.23 -4.78 33.48
N PRO B 345 -11.39 -5.92 34.19
CA PRO B 345 -10.38 -7.00 34.17
C PRO B 345 -9.86 -7.40 32.80
N SER B 346 -10.67 -7.24 31.77
CA SER B 346 -10.30 -7.66 30.40
C SER B 346 -9.04 -6.88 29.99
N PHE B 347 -8.93 -5.62 30.42
CA PHE B 347 -7.78 -4.74 30.06
C PHE B 347 -6.65 -4.91 31.08
N GLN B 348 -6.97 -5.09 32.36
CA GLN B 348 -5.99 -5.03 33.47
C GLN B 348 -5.21 -6.35 33.49
N GLN B 349 -5.70 -7.42 32.84
CA GLN B 349 -4.97 -8.70 32.69
C GLN B 349 -4.16 -8.79 31.38
N ASN B 350 -4.26 -7.82 30.48
CA ASN B 350 -3.56 -7.83 29.18
C ASN B 350 -2.23 -7.09 29.39
N PRO B 351 -1.11 -7.81 29.40
CA PRO B 351 0.16 -7.23 29.81
C PRO B 351 0.65 -6.11 28.87
N LEU B 352 0.55 -6.29 27.54
CA LEU B 352 1.02 -5.19 26.67
C LEU B 352 0.01 -4.05 26.73
N LEU B 353 -1.27 -4.32 26.97
CA LEU B 353 -2.24 -3.19 27.09
C LEU B 353 -1.95 -2.40 28.38
N ARG B 354 -1.49 -3.03 29.47
CA ARG B 354 -1.18 -2.30 30.71
C ARG B 354 0.03 -1.38 30.37
N THR B 355 0.90 -1.79 29.47
CA THR B 355 2.02 -0.90 29.02
C THR B 355 1.47 0.37 28.38
N PHE B 356 0.51 0.28 27.47
CA PHE B 356 -0.20 1.43 26.90
C PHE B 356 -0.87 2.23 28.01
N ILE B 357 -1.51 1.56 28.97
CA ILE B 357 -2.25 2.26 30.06
C ILE B 357 -1.27 3.13 30.87
N GLN B 358 -0.14 2.59 31.31
CA GLN B 358 0.90 3.42 32.02
C GLN B 358 1.41 4.54 31.13
N ALA B 359 1.73 4.22 29.87
CA ALA B 359 2.27 5.19 28.89
C ALA B 359 1.31 6.37 28.67
N ALA B 360 0.02 6.24 29.02
CA ALA B 360 -1.00 7.29 28.84
C ALA B 360 -0.67 8.50 29.71
N GLN B 361 0.12 8.33 30.76
CA GLN B 361 0.47 9.47 31.64
C GLN B 361 1.34 10.45 30.83
N PHE B 362 2.03 10.05 29.75
CA PHE B 362 2.80 11.01 28.92
C PHE B 362 2.05 11.40 27.65
N GLY B 363 0.78 11.03 27.56
CA GLY B 363 -0.05 11.33 26.40
C GLY B 363 -0.23 12.81 26.21
N ARG B 364 -0.18 13.27 24.96
CA ARG B 364 -0.32 14.69 24.62
C ARG B 364 -1.22 14.78 23.41
N THR B 365 -2.10 15.76 23.41
CA THR B 365 -3.09 16.04 22.37
C THR B 365 -2.72 17.30 21.58
N TYR B 366 -3.28 17.40 20.39
CA TYR B 366 -3.24 18.64 19.59
C TYR B 366 -4.25 19.60 20.19
N PRO B 367 -4.01 20.91 20.09
CA PRO B 367 -5.06 21.88 20.38
C PRO B 367 -6.21 21.71 19.37
N SER B 368 -7.43 21.93 19.85
CA SER B 368 -8.68 21.56 19.17
C SER B 368 -9.10 22.75 18.27
N LEU B 369 -8.32 23.07 17.24
CA LEU B 369 -8.50 24.31 16.45
C LEU B 369 -9.44 24.13 15.25
N ALA B 370 -10.16 25.20 14.94
CA ALA B 370 -10.97 25.33 13.71
C ALA B 370 -10.07 25.03 12.50
N GLY B 371 -8.86 25.53 12.44
CA GLY B 371 -8.06 25.31 11.22
C GLY B 371 -7.30 23.99 11.20
N TRP B 372 -7.64 23.02 12.07
CA TRP B 372 -6.67 21.91 12.34
C TRP B 372 -6.47 21.03 11.11
N GLY B 373 -7.54 20.72 10.36
CA GLY B 373 -7.43 19.99 9.08
C GLY B 373 -6.32 20.57 8.20
N GLY B 374 -6.29 21.89 8.10
CA GLY B 374 -5.35 22.66 7.24
C GLY B 374 -3.92 22.50 7.75
N VAL B 375 -3.75 22.68 9.05
CA VAL B 375 -2.44 22.58 9.75
C VAL B 375 -1.86 21.17 9.51
N GLU B 376 -2.63 20.13 9.81
CA GLU B 376 -2.21 18.71 9.71
C GLU B 376 -1.80 18.47 8.25
N ASN B 377 -2.68 18.86 7.32
CA ASN B 377 -2.47 18.61 5.87
C ASN B 377 -1.19 19.34 5.44
N LEU B 378 -1.03 20.61 5.81
CA LEU B 378 0.13 21.41 5.34
C LEU B 378 1.42 20.88 5.96
N ALA B 379 1.42 20.51 7.23
CA ALA B 379 2.59 19.94 7.95
C ALA B 379 3.08 18.68 7.23
N VAL B 380 2.18 17.70 7.04
CA VAL B 380 2.59 16.39 6.49
C VAL B 380 3.04 16.60 5.02
N GLN B 381 2.45 17.55 4.29
CA GLN B 381 2.85 17.83 2.89
C GLN B 381 4.34 18.23 2.88
N HIS B 382 4.75 19.12 3.78
CA HIS B 382 6.15 19.61 3.90
C HIS B 382 7.04 18.53 4.51
N LEU B 383 6.55 17.78 5.49
CA LEU B 383 7.23 16.59 6.04
C LEU B 383 7.55 15.59 4.91
N GLY B 384 6.59 15.33 4.01
CA GLY B 384 6.77 14.50 2.80
C GLY B 384 7.95 14.95 1.96
N MET B 385 8.14 16.26 1.82
CA MET B 385 9.25 16.82 1.03
C MET B 385 10.58 16.54 1.78
N ALA B 386 10.57 16.55 3.11
CA ALA B 386 11.80 16.26 3.88
C ALA B 386 12.15 14.78 3.70
N TRP B 387 11.15 13.90 3.69
CA TRP B 387 11.35 12.44 3.47
C TRP B 387 11.96 12.22 2.08
N ASP B 388 11.51 12.98 1.07
CA ASP B 388 12.10 12.93 -0.29
C ASP B 388 13.59 13.26 -0.26
N LEU B 389 14.02 14.19 0.59
CA LEU B 389 15.46 14.51 0.73
C LEU B 389 16.17 13.32 1.38
N VAL B 390 15.55 12.75 2.43
CA VAL B 390 16.14 11.59 3.15
C VAL B 390 16.42 10.49 2.12
N ALA B 391 15.40 10.09 1.35
CA ALA B 391 15.49 9.05 0.29
C ALA B 391 16.70 9.31 -0.64
N GLN B 392 17.07 10.58 -0.87
CA GLN B 392 18.21 10.95 -1.76
C GLN B 392 19.52 11.11 -0.97
N GLY B 393 19.50 10.99 0.36
CA GLY B 393 20.67 11.19 1.24
C GLY B 393 21.05 12.66 1.36
N ARG B 394 20.07 13.56 1.28
CA ARG B 394 20.32 15.02 1.07
C ARG B 394 19.65 15.85 2.17
N LEU B 395 19.06 15.25 3.20
CA LEU B 395 18.46 16.09 4.28
C LEU B 395 19.57 16.61 5.19
N THR B 396 19.82 17.90 5.13
CA THR B 396 20.62 18.64 6.12
C THR B 396 19.69 19.44 7.03
N ARG B 397 20.21 19.91 8.14
CA ARG B 397 19.51 20.77 9.11
C ARG B 397 18.98 22.01 8.40
N GLU B 398 19.82 22.61 7.55
CA GLU B 398 19.50 23.84 6.78
C GLU B 398 18.36 23.53 5.82
N ALA B 399 18.42 22.44 5.06
CA ALA B 399 17.33 22.09 4.15
C ALA B 399 16.03 21.84 4.94
N LEU B 400 16.11 21.18 6.09
CA LEU B 400 14.91 20.90 6.92
C LEU B 400 14.34 22.25 7.37
N LYS B 401 15.21 23.16 7.82
CA LYS B 401 14.79 24.50 8.32
C LYS B 401 14.05 25.22 7.19
N ASP B 402 14.62 25.22 5.98
CA ASP B 402 14.01 25.92 4.82
C ASP B 402 12.61 25.34 4.59
N LEU B 403 12.46 24.01 4.66
CA LEU B 403 11.13 23.31 4.52
C LEU B 403 10.15 23.68 5.63
N MET B 404 10.58 23.71 6.89
CA MET B 404 9.62 24.03 7.99
C MET B 404 9.30 25.54 8.02
N ASP B 405 10.20 26.38 7.51
CA ASP B 405 9.89 27.83 7.33
C ASP B 405 8.74 27.96 6.33
N LYS B 406 8.80 27.24 5.21
CA LYS B 406 7.71 27.25 4.20
C LYS B 406 6.45 26.69 4.82
N ALA B 407 6.53 25.54 5.47
CA ALA B 407 5.34 24.94 6.13
C ALA B 407 4.71 25.98 7.06
N SER B 408 5.54 26.71 7.83
CA SER B 408 5.04 27.68 8.84
C SER B 408 4.35 28.87 8.14
N ALA B 409 4.91 29.40 7.06
CA ALA B 409 4.26 30.47 6.27
C ALA B 409 2.86 29.98 5.83
N ALA B 410 2.78 28.76 5.28
CA ALA B 410 1.52 28.28 4.67
C ALA B 410 0.51 28.02 5.81
N ILE B 411 0.98 27.45 6.91
CA ILE B 411 0.13 27.17 8.11
C ILE B 411 -0.37 28.48 8.73
N ASN B 412 0.47 29.51 8.84
CA ASN B 412 0.03 30.78 9.48
C ASN B 412 -1.05 31.39 8.56
N GLN B 413 -0.82 31.40 7.24
CA GLN B 413 -1.85 31.85 6.24
C GLN B 413 -3.16 31.08 6.50
N ALA B 414 -3.14 29.76 6.61
CA ALA B 414 -4.39 28.98 6.84
C ALA B 414 -5.06 29.38 8.17
N LEU B 415 -4.31 29.45 9.29
CA LEU B 415 -4.86 29.79 10.63
C LEU B 415 -5.47 31.21 10.64
N ARG B 416 -4.87 32.20 9.95
CA ARG B 416 -5.36 33.59 9.83
C ARG B 416 -6.85 33.54 9.46
N HIS B 417 -7.17 32.75 8.43
CA HIS B 417 -8.51 32.59 7.81
C HIS B 417 -9.49 31.84 8.76
N HIS B 418 -9.08 31.38 9.96
CA HIS B 418 -9.95 30.64 10.93
C HIS B 418 -9.99 31.34 12.30
C1 GLC C . 2.81 -2.11 -14.03
C2 GLC C . 2.97 -2.90 -12.74
C3 GLC C . 2.93 -4.39 -12.98
C4 GLC C . 1.78 -4.80 -13.91
C5 GLC C . 1.86 -4.02 -15.20
C6 GLC C . 0.67 -4.35 -16.13
O1 GLC C . 3.99 -2.23 -14.78
O2 GLC C . 4.17 -2.56 -12.08
O3 GLC C . 2.64 -4.99 -11.72
O4 GLC C . 1.81 -6.18 -14.24
O5 GLC C . 1.78 -2.67 -14.83
O6 GLC C . -0.61 -4.19 -15.50
C2 BGC C . 0.75 -8.36 -14.39
C3 BGC C . -0.14 -9.30 -13.62
C4 BGC C . 0.29 -9.49 -12.15
C5 BGC C . 0.44 -8.12 -11.53
C6 BGC C . 0.86 -8.11 -10.09
C1 BGC C . 0.91 -7.05 -13.59
O2 BGC C . 0.21 -8.09 -15.69
O3 BGC C . -0.24 -10.57 -14.27
O4 BGC C . -0.68 -10.26 -11.40
O5 BGC C . 1.39 -7.36 -12.28
O6 BGC C . 2.09 -8.78 -9.85
C1 GLC D . -5.50 4.26 11.40
C2 GLC D . -5.52 5.66 10.79
C3 GLC D . -5.22 6.75 11.81
C4 GLC D . -6.07 6.57 13.07
C5 GLC D . -5.86 5.15 13.59
C6 GLC D . -6.68 4.85 14.83
O1 GLC D . -4.14 4.01 11.70
O2 GLC D . -4.52 5.66 9.74
O3 GLC D . -5.49 8.00 11.16
O4 GLC D . -5.65 7.49 14.06
O5 GLC D . -6.26 4.24 12.58
O6 GLC D . -8.06 5.09 14.56
C2 BGC D . -6.39 9.20 15.58
C3 BGC D . -7.22 10.48 15.73
C4 BGC D . -7.05 11.42 14.57
C5 BGC D . -7.25 10.66 13.29
C6 BGC D . -7.15 11.52 12.04
C1 BGC D . -6.55 8.59 14.20
O2 BGC D . -6.79 8.21 16.52
O3 BGC D . -6.86 11.15 16.95
O4 BGC D . -8.01 12.50 14.66
O5 BGC D . -6.30 9.57 13.23
O6 BGC D . -5.84 11.92 11.80
CL CL E . 7.30 -21.16 -12.45
S SO2 F . 31.25 -14.53 -14.20
O1 SO2 F . 30.56 -15.13 -15.31
O2 SO2 F . 32.62 -14.27 -14.46
C ACT G . -7.45 10.14 -14.14
O ACT G . -8.27 9.91 -15.05
OXT ACT G . -6.78 11.17 -14.09
CH3 ACT G . -7.22 9.12 -13.00
CL CL H . 1.20 20.93 19.45
S SO2 I . 2.26 -2.33 34.37
O1 SO2 I . 1.06 -1.76 34.89
O2 SO2 I . 2.29 -3.75 34.44
C1 FJO J . -4.77 5.09 3.61
C2 FJO J . -6.24 5.15 3.24
O3 FJO J . -6.76 3.89 3.61
C FJO J . -4.13 6.32 2.99
O2 FJO J . -3.31 6.32 4.19
O1 FJO J . -4.68 7.60 3.29
O FJO J . -2.92 6.23 2.22
#